data_5JXE
#
_entry.id   5JXE
#
_cell.length_a   105.554
_cell.length_b   105.554
_cell.length_c   380.048
_cell.angle_alpha   90.00
_cell.angle_beta   90.00
_cell.angle_gamma   120.00
#
_symmetry.space_group_name_H-M   'P 65 2 2'
#
loop_
_entity.id
_entity.type
_entity.pdbx_description
1 polymer 'Programmed cell death protein 1'
2 polymer 'Pembrolizumab Fab light chain'
3 polymer 'Pembrolizumab Fab heavy chain'
4 water water
#
loop_
_entity_poly.entity_id
_entity_poly.type
_entity_poly.pdbx_seq_one_letter_code
_entity_poly.pdbx_strand_id
1 'polypeptide(L)'
;NPPTFSPALLVVTEGDNATFTCSFSNTSESFVLNWYRMSPSNQTDKLAAFPEDRSQPGQDSRFRVTQLPNGRDFHMSVVR
ARRNDSGTYLCGAISLAPKAQIKESLRAELRVTE
;
A,B
2 'polypeptide(L)'
;EIVLTQSPATLSLSPGERATLSCRASKGVSTSGYSYLHWYQQKPGQAPRLLIYLASYLESGVPARFSGSGSGTDFTLTIS
SLEPEDFAVYYCQHSRDLPLTFGGGTKVEIKRTVAAPSVFIFPPSDEQLKSGTASVVCLLNNFYPREAKVQWKVDNALQS
GNSQESVTEQDSKDSTYSLSSTLTLSKADYEKHKVYACEVTHQGLSSPVTKSFNRGEC
;
C,F
3 'polypeptide(L)'
;QVQLVQSGVEVKKPGASVKVSCKASGYTFTNYYMYWVRQAPGQGLEWMGGINPSNGGTNFNEKFKNRVTLTTDSSTTTAY
MELKSLQFDDTAVYYCARRDYRFDMGFDYWGQGTTVTVSSASTKGPSVFPLAPCSRSTSESTAALGCLVKDYFPEPVTVS
WNSGALTSGVHTFPAVLQSSGLYSLSSVVTVPSSSLGTKTYTCNVDHKPSNTKVDKRV
;
D,G
#
# COMPACT_ATOMS: atom_id res chain seq x y z
N PRO A 2 18.28 14.74 46.69
CA PRO A 2 17.79 13.73 45.74
C PRO A 2 16.70 12.86 46.34
N PRO A 3 15.85 12.27 45.50
CA PRO A 3 14.82 11.35 46.01
C PRO A 3 15.45 10.13 46.66
N THR A 4 14.60 9.33 47.32
CA THR A 4 15.07 8.22 48.12
C THR A 4 15.21 6.94 47.29
N PHE A 5 14.16 6.57 46.56
CA PHE A 5 14.06 5.28 45.88
C PHE A 5 14.19 4.14 46.88
N SER A 6 13.07 3.72 47.44
CA SER A 6 13.02 2.67 48.45
C SER A 6 12.19 1.49 47.93
N PRO A 7 12.45 0.26 48.42
CA PRO A 7 13.44 -0.25 49.38
C PRO A 7 14.84 -0.30 48.80
N ALA A 8 15.88 -0.49 49.62
CA ALA A 8 17.23 -0.63 49.09
C ALA A 8 17.45 -1.94 48.35
N LEU A 9 16.55 -2.92 48.52
CA LEU A 9 16.55 -4.18 47.77
C LEU A 9 15.21 -4.86 48.01
N LEU A 10 14.65 -5.42 46.95
CA LEU A 10 13.34 -6.06 46.99
C LEU A 10 13.43 -7.43 46.34
N VAL A 11 12.88 -8.45 47.00
CA VAL A 11 12.90 -9.80 46.48
C VAL A 11 11.47 -10.32 46.43
N VAL A 12 11.05 -10.82 45.27
CA VAL A 12 9.68 -11.26 45.03
C VAL A 12 9.71 -12.57 44.25
N THR A 13 8.55 -13.23 44.20
CA THR A 13 8.36 -14.45 43.44
C THR A 13 7.91 -14.13 42.03
N GLU A 14 8.15 -15.07 41.11
CA GLU A 14 7.68 -14.91 39.74
C GLU A 14 6.18 -14.70 39.71
N GLY A 15 5.73 -13.86 38.78
CA GLY A 15 4.33 -13.51 38.68
C GLY A 15 3.82 -12.58 39.74
N ASP A 16 4.62 -12.26 40.76
CA ASP A 16 4.22 -11.35 41.82
C ASP A 16 4.73 -9.94 41.51
N ASN A 17 3.87 -8.95 41.71
CA ASN A 17 4.23 -7.58 41.43
C ASN A 17 5.33 -7.09 42.35
N ALA A 18 6.06 -6.08 41.89
CA ALA A 18 7.16 -5.49 42.64
C ALA A 18 7.09 -3.99 42.46
N THR A 19 7.25 -3.25 43.56
CA THR A 19 7.13 -1.81 43.50
C THR A 19 8.17 -1.12 44.37
N PHE A 20 8.80 -0.09 43.81
CA PHE A 20 9.69 0.79 44.54
C PHE A 20 8.98 2.11 44.82
N THR A 21 9.70 3.05 45.45
CA THR A 21 9.12 4.34 45.82
C THR A 21 10.18 5.43 45.62
N CYS A 22 10.17 6.05 44.45
CA CYS A 22 11.10 7.15 44.15
C CYS A 22 10.54 8.47 44.63
N VAL A 32 10.43 15.88 35.34
CA VAL A 32 10.20 14.53 34.82
C VAL A 32 10.90 13.52 35.71
N LEU A 33 10.33 12.32 35.82
CA LEU A 33 10.88 11.25 36.63
C LEU A 33 11.07 10.01 35.76
N ASN A 34 12.29 9.51 35.70
CA ASN A 34 12.61 8.34 34.89
C ASN A 34 12.98 7.15 35.77
N TRP A 35 12.88 5.96 35.20
CA TRP A 35 13.08 4.70 35.89
C TRP A 35 13.94 3.81 35.01
N TYR A 36 15.22 3.66 35.36
CA TYR A 36 16.16 2.89 34.54
C TYR A 36 16.48 1.55 35.18
N ARG A 37 16.90 0.62 34.34
CA ARG A 37 17.63 -0.57 34.75
C ARG A 37 19.07 -0.44 34.24
N MET A 38 20.04 -0.85 35.05
CA MET A 38 21.44 -0.69 34.70
C MET A 38 22.00 -1.99 34.15
N SER A 39 22.66 -1.90 33.01
CA SER A 39 23.24 -3.02 32.27
C SER A 39 24.75 -2.78 32.37
N PRO A 40 25.68 -3.33 31.57
CA PRO A 40 27.09 -3.18 31.92
C PRO A 40 27.62 -1.83 31.49
N SER A 41 28.92 -1.66 31.67
CA SER A 41 29.72 -0.61 31.04
C SER A 41 28.92 0.69 30.84
N ASN A 42 28.22 1.09 31.90
CA ASN A 42 27.40 2.30 31.91
C ASN A 42 26.29 2.25 30.86
N GLN A 43 25.76 1.07 30.54
CA GLN A 43 24.60 0.96 29.67
C GLN A 43 23.34 1.10 30.53
N THR A 44 22.50 2.07 30.17
CA THR A 44 21.27 2.34 30.92
C THR A 44 20.11 2.50 29.95
N ASP A 45 18.98 1.88 30.27
CA ASP A 45 17.78 1.95 29.45
C ASP A 45 16.62 2.37 30.33
N LYS A 46 15.86 3.35 29.85
CA LYS A 46 14.67 3.81 30.56
C LYS A 46 13.53 2.82 30.33
N LEU A 47 12.84 2.46 31.40
CA LEU A 47 11.71 1.53 31.33
C LEU A 47 10.37 2.25 31.26
N ALA A 48 10.13 3.18 32.17
CA ALA A 48 8.94 4.02 32.16
C ALA A 48 9.33 5.40 32.67
N ALA A 49 8.39 6.34 32.63
CA ALA A 49 8.70 7.70 33.03
C ALA A 49 7.42 8.41 33.45
N PHE A 50 7.56 9.33 34.39
CA PHE A 50 6.48 10.25 34.74
C PHE A 50 6.82 11.63 34.20
N PRO A 51 5.97 12.17 33.31
CA PRO A 51 4.75 11.53 32.79
C PRO A 51 5.08 10.45 31.78
N GLU A 52 4.09 9.64 31.42
CA GLU A 52 4.29 8.57 30.46
C GLU A 52 4.90 9.12 29.17
N ASP A 53 5.82 8.37 28.59
CA ASP A 53 6.43 8.73 27.31
C ASP A 53 5.71 7.94 26.22
N ARG A 54 4.95 8.64 25.39
CA ARG A 54 4.15 8.01 24.35
C ARG A 54 5.02 7.56 23.19
N SER A 55 5.91 8.44 22.74
CA SER A 55 6.71 8.22 21.56
C SER A 55 7.93 7.34 21.79
N GLN A 56 7.98 6.60 22.90
CA GLN A 56 9.11 5.71 23.15
C GLN A 56 8.90 4.39 22.41
N PRO A 57 9.76 4.05 21.47
CA PRO A 57 9.63 2.77 20.77
C PRO A 57 9.64 1.58 21.71
N GLY A 58 8.80 0.58 21.41
CA GLY A 58 8.79 -0.69 22.11
C GLY A 58 8.75 -0.63 23.63
N GLN A 59 8.07 0.38 24.15
CA GLN A 59 7.98 0.55 25.60
C GLN A 59 7.22 -0.61 26.22
N ASP A 60 7.75 -1.10 27.33
CA ASP A 60 7.17 -2.27 28.01
C ASP A 60 6.06 -1.80 28.93
N SER A 61 4.83 -2.27 28.65
CA SER A 61 3.66 -1.80 29.38
C SER A 61 3.66 -2.22 30.85
N ARG A 62 4.35 -3.30 31.19
CA ARG A 62 4.35 -3.81 32.56
C ARG A 62 5.14 -2.93 33.53
N PHE A 63 5.79 -1.87 33.06
CA PHE A 63 6.52 -0.96 33.91
C PHE A 63 5.71 0.32 34.05
N ARG A 64 5.16 0.55 35.24
CA ARG A 64 4.30 1.69 35.50
C ARG A 64 4.94 2.59 36.54
N VAL A 65 4.63 3.88 36.44
CA VAL A 65 5.18 4.89 37.34
C VAL A 65 4.02 5.79 37.77
N THR A 66 3.13 5.23 38.59
CA THR A 66 2.02 6.00 39.11
C THR A 66 2.53 7.06 40.09
N GLN A 67 1.79 8.15 40.21
CA GLN A 67 2.09 9.17 41.20
C GLN A 67 1.14 9.04 42.38
N LEU A 68 1.70 9.08 43.59
CA LEU A 68 0.93 9.08 44.81
C LEU A 68 0.14 10.40 44.92
N PRO A 69 -0.75 10.53 45.93
CA PRO A 69 -1.39 11.83 46.16
C PRO A 69 -0.39 12.96 46.25
N ASN A 70 0.51 12.91 47.23
CA ASN A 70 1.59 13.89 47.32
C ASN A 70 2.71 13.41 48.23
N GLY A 71 3.55 14.33 48.68
CA GLY A 71 4.81 14.00 49.30
C GLY A 71 5.93 13.78 48.31
N ARG A 72 5.73 14.15 47.05
CA ARG A 72 6.65 13.80 45.96
C ARG A 72 6.90 12.30 45.92
N ASP A 73 5.86 11.53 46.25
CA ASP A 73 5.94 10.08 46.33
C ASP A 73 5.49 9.46 45.02
N PHE A 74 6.14 8.36 44.65
CA PHE A 74 5.92 7.72 43.36
C PHE A 74 6.01 6.21 43.54
N HIS A 75 5.42 5.48 42.61
CA HIS A 75 5.36 4.02 42.66
C HIS A 75 5.94 3.44 41.37
N MET A 76 7.14 2.90 41.44
CA MET A 76 7.75 2.17 40.32
C MET A 76 7.31 0.72 40.41
N SER A 77 6.28 0.36 39.66
CA SER A 77 5.71 -0.98 39.72
C SER A 77 6.04 -1.75 38.45
N VAL A 78 6.60 -2.95 38.62
CA VAL A 78 6.76 -3.90 37.52
C VAL A 78 5.77 -5.03 37.74
N VAL A 79 4.88 -5.22 36.77
CA VAL A 79 3.80 -6.19 36.89
C VAL A 79 4.32 -7.57 36.49
N ARG A 80 3.66 -8.61 37.04
CA ARG A 80 3.88 -10.01 36.71
C ARG A 80 5.34 -10.28 36.35
N ALA A 81 6.21 -10.23 37.36
CA ALA A 81 7.64 -10.17 37.13
C ALA A 81 8.13 -11.40 36.38
N ARG A 82 9.29 -11.24 35.74
CA ARG A 82 9.99 -12.34 35.09
C ARG A 82 11.33 -12.55 35.79
N ARG A 83 11.89 -13.75 35.61
CA ARG A 83 13.15 -14.07 36.27
C ARG A 83 14.28 -13.16 35.81
N ASN A 84 14.28 -12.79 34.54
CA ASN A 84 15.32 -11.92 34.00
C ASN A 84 15.09 -10.45 34.36
N ASP A 85 13.93 -10.09 34.90
CA ASP A 85 13.73 -8.74 35.40
C ASP A 85 14.63 -8.43 36.59
N SER A 86 15.18 -9.45 37.24
CA SER A 86 16.07 -9.23 38.38
C SER A 86 17.31 -8.47 37.94
N GLY A 87 17.76 -7.54 38.77
CA GLY A 87 18.95 -6.79 38.42
C GLY A 87 19.05 -5.41 39.06
N THR A 88 19.53 -4.43 38.31
CA THR A 88 19.97 -3.17 38.89
C THR A 88 19.12 -2.00 38.39
N TYR A 89 18.41 -1.33 39.31
CA TYR A 89 17.42 -0.30 39.03
C TYR A 89 17.70 0.95 39.85
N LEU A 90 17.55 2.11 39.19
CA LEU A 90 17.65 3.41 39.85
C LEU A 90 16.66 4.36 39.17
N CYS A 91 16.32 5.43 39.88
CA CYS A 91 15.47 6.48 39.34
C CYS A 91 16.21 7.81 39.37
N GLY A 92 15.90 8.66 38.39
CA GLY A 92 16.46 9.98 38.33
C GLY A 92 15.37 11.01 38.08
N ALA A 93 15.70 12.27 38.37
CA ALA A 93 14.80 13.38 38.15
C ALA A 93 15.45 14.37 37.19
N ILE A 94 14.68 14.83 36.21
CA ILE A 94 15.16 15.77 35.20
C ILE A 94 14.20 16.94 35.13
N SER A 95 14.74 18.16 35.22
CA SER A 95 13.94 19.37 35.09
C SER A 95 14.86 20.57 34.87
N LYS A 103 19.66 14.50 38.41
CA LYS A 103 20.24 14.00 39.65
C LYS A 103 19.74 12.60 39.96
N GLU A 104 20.66 11.63 39.92
CA GLU A 104 20.33 10.26 40.27
C GLU A 104 19.85 10.18 41.72
N SER A 105 19.08 9.14 41.99
CA SER A 105 18.82 8.70 43.36
C SER A 105 19.43 7.32 43.54
N LEU A 106 19.74 7.00 44.78
CA LEU A 106 20.59 5.86 45.06
C LEU A 106 19.89 4.55 44.76
N ARG A 107 20.39 3.87 43.74
CA ARG A 107 20.40 2.43 43.53
C ARG A 107 19.58 1.59 44.54
N ALA A 108 18.38 1.15 44.14
CA ALA A 108 17.58 0.14 44.85
C ALA A 108 17.28 -1.11 44.00
N GLU A 109 17.35 -2.30 44.60
CA GLU A 109 17.46 -3.56 43.85
C GLU A 109 16.20 -4.44 43.89
N LEU A 110 16.14 -5.39 42.92
CA LEU A 110 15.08 -6.39 42.80
C LEU A 110 15.64 -7.71 42.30
N ARG A 111 15.37 -8.79 43.04
CA ARG A 111 15.61 -10.17 42.60
C ARG A 111 14.28 -10.91 42.46
N VAL A 112 14.17 -11.72 41.41
CA VAL A 112 12.96 -12.50 41.15
C VAL A 112 13.24 -13.97 41.45
N THR A 113 12.36 -14.59 42.21
CA THR A 113 12.45 -16.01 42.54
C THR A 113 11.43 -16.79 41.72
N GLU A 114 11.73 -18.06 41.49
CA GLU A 114 10.85 -18.94 40.73
C GLU A 114 9.77 -19.54 41.64
N ASN B 1 -41.84 -19.39 23.61
CA ASN B 1 -41.92 -18.00 24.05
C ASN B 1 -40.89 -17.11 23.33
N PRO B 2 -41.23 -15.84 23.13
CA PRO B 2 -40.30 -14.92 22.47
C PRO B 2 -39.55 -14.10 23.52
N PRO B 3 -38.68 -13.11 23.14
CA PRO B 3 -37.99 -12.35 24.18
C PRO B 3 -38.91 -11.39 24.92
N THR B 4 -38.38 -10.72 25.95
CA THR B 4 -39.11 -9.71 26.70
C THR B 4 -38.62 -8.30 26.42
N PHE B 5 -37.30 -8.11 26.36
CA PHE B 5 -36.69 -6.86 25.92
C PHE B 5 -37.14 -5.68 26.77
N SER B 6 -36.79 -5.76 28.05
CA SER B 6 -37.13 -4.72 29.00
C SER B 6 -36.00 -3.70 29.07
N PRO B 7 -36.32 -2.49 29.56
CA PRO B 7 -37.71 -2.06 29.72
C PRO B 7 -38.23 -1.42 28.44
N ALA B 8 -39.55 -1.22 28.34
CA ALA B 8 -40.17 -0.85 27.08
C ALA B 8 -39.98 0.62 26.71
N LEU B 9 -39.59 1.46 27.66
CA LEU B 9 -39.25 2.85 27.39
C LEU B 9 -38.09 3.24 28.30
N LEU B 10 -37.00 3.74 27.74
CA LEU B 10 -35.88 4.17 28.58
C LEU B 10 -35.54 5.63 28.34
N VAL B 11 -35.39 6.36 29.43
CA VAL B 11 -34.95 7.75 29.41
C VAL B 11 -33.49 7.79 29.85
N VAL B 12 -32.73 8.77 29.37
CA VAL B 12 -31.41 9.11 29.90
C VAL B 12 -30.78 10.30 29.17
N THR B 13 -30.07 11.13 29.93
CA THR B 13 -29.38 12.33 29.45
C THR B 13 -28.27 11.97 28.46
N GLU B 14 -27.81 13.00 27.73
CA GLU B 14 -26.75 12.83 26.76
C GLU B 14 -25.43 12.49 27.43
N GLY B 15 -24.61 11.72 26.71
CA GLY B 15 -23.31 11.29 27.21
C GLY B 15 -23.34 10.05 28.08
N ASP B 16 -24.49 9.70 28.63
CA ASP B 16 -24.61 8.54 29.50
C ASP B 16 -25.01 7.32 28.68
N ASN B 17 -25.26 6.20 29.37
CA ASN B 17 -25.49 4.91 28.74
C ASN B 17 -26.96 4.51 28.89
N ALA B 18 -27.51 3.94 27.83
CA ALA B 18 -28.89 3.46 27.80
C ALA B 18 -28.90 1.94 27.70
N THR B 19 -28.47 1.29 28.77
CA THR B 19 -28.37 -0.16 28.78
C THR B 19 -29.76 -0.79 28.71
N PHE B 20 -29.95 -1.67 27.74
CA PHE B 20 -31.19 -2.41 27.60
C PHE B 20 -31.09 -3.78 28.26
N THR B 21 -32.21 -4.50 28.28
CA THR B 21 -32.25 -5.83 28.86
C THR B 21 -33.20 -6.69 28.05
N CYS B 22 -32.64 -7.59 27.23
CA CYS B 22 -33.41 -8.58 26.52
C CYS B 22 -33.34 -9.90 27.28
N SER B 23 -34.48 -10.37 27.76
CA SER B 23 -34.57 -11.62 28.51
C SER B 23 -35.06 -12.75 27.60
N PHE B 24 -34.55 -13.95 27.85
CA PHE B 24 -34.75 -15.08 26.95
C PHE B 24 -34.24 -16.37 27.57
N SER B 25 -35.02 -17.44 27.47
CA SER B 25 -34.55 -18.76 27.87
C SER B 25 -35.17 -19.85 27.02
N SER B 30 -27.41 -23.67 20.87
CA SER B 30 -28.68 -23.09 20.45
C SER B 30 -28.77 -21.62 20.83
N PHE B 31 -29.36 -20.83 19.92
CA PHE B 31 -29.73 -19.43 20.12
C PHE B 31 -28.55 -18.46 20.04
N VAL B 32 -28.60 -17.58 19.04
CA VAL B 32 -27.85 -16.34 19.01
C VAL B 32 -28.87 -15.21 18.89
N LEU B 33 -28.55 -14.07 19.49
CA LEU B 33 -29.50 -12.97 19.52
C LEU B 33 -28.84 -11.66 19.10
N ASN B 34 -29.52 -10.90 18.25
CA ASN B 34 -29.02 -9.67 17.69
C ASN B 34 -29.76 -8.47 18.26
N TRP B 35 -29.15 -7.30 18.09
CA TRP B 35 -29.72 -6.01 18.45
C TRP B 35 -30.12 -5.30 17.17
N TYR B 36 -31.31 -4.68 17.16
CA TYR B 36 -31.86 -4.11 15.94
C TYR B 36 -32.14 -2.63 16.11
N ARG B 37 -32.27 -1.94 14.97
CA ARG B 37 -32.43 -0.48 14.94
C ARG B 37 -33.57 0.01 14.06
N MET B 38 -34.13 -0.83 13.20
CA MET B 38 -35.32 -0.51 12.38
C MET B 38 -35.37 0.93 11.85
N GLN B 43 -37.29 -1.48 7.34
CA GLN B 43 -36.28 -2.53 7.32
C GLN B 43 -35.60 -2.66 8.67
N THR B 44 -34.54 -3.47 8.74
CA THR B 44 -33.87 -3.76 10.00
C THR B 44 -32.37 -3.66 9.81
N ASP B 45 -31.70 -3.00 10.76
CA ASP B 45 -30.25 -2.88 10.79
C ASP B 45 -29.73 -3.41 12.11
N LYS B 46 -28.77 -4.34 12.06
CA LYS B 46 -28.22 -4.95 13.25
C LYS B 46 -27.07 -4.12 13.78
N LEU B 47 -27.01 -3.97 15.11
CA LEU B 47 -25.95 -3.21 15.77
C LEU B 47 -24.87 -4.11 16.34
N ALA B 48 -25.26 -5.12 17.12
CA ALA B 48 -24.31 -6.04 17.74
C ALA B 48 -25.03 -7.37 17.97
N ALA B 49 -24.34 -8.30 18.62
CA ALA B 49 -24.91 -9.61 18.87
C ALA B 49 -24.17 -10.30 20.00
N PHE B 50 -24.82 -11.28 20.59
CA PHE B 50 -24.18 -12.19 21.52
C PHE B 50 -24.46 -13.63 21.08
N PRO B 51 -23.42 -14.37 20.68
CA PRO B 51 -22.03 -13.90 20.60
C PRO B 51 -21.81 -12.96 19.43
N GLU B 52 -20.85 -12.05 19.52
CA GLU B 52 -20.65 -11.08 18.45
C GLU B 52 -20.16 -11.77 17.19
N ASP B 53 -20.47 -11.14 16.05
CA ASP B 53 -20.20 -11.74 14.75
C ASP B 53 -18.71 -12.00 14.55
N ARG B 54 -17.88 -10.99 14.80
CA ARG B 54 -16.48 -10.88 14.40
C ARG B 54 -16.39 -10.54 12.92
N SER B 55 -17.14 -11.24 12.07
CA SER B 55 -17.20 -10.96 10.64
C SER B 55 -18.29 -9.96 10.29
N GLN B 56 -18.46 -8.91 11.10
CA GLN B 56 -19.48 -7.89 10.84
C GLN B 56 -18.80 -6.60 10.38
N PRO B 57 -18.82 -6.31 9.08
CA PRO B 57 -18.18 -5.07 8.59
C PRO B 57 -18.78 -3.83 9.22
N GLY B 58 -17.92 -2.89 9.58
CA GLY B 58 -18.33 -1.61 10.14
C GLY B 58 -19.24 -1.73 11.34
N GLN B 59 -18.77 -2.40 12.38
CA GLN B 59 -19.55 -2.64 13.59
C GLN B 59 -19.07 -1.66 14.66
N ASP B 60 -20.01 -0.86 15.18
CA ASP B 60 -19.64 0.28 16.01
C ASP B 60 -19.06 -0.16 17.33
N SER B 61 -17.86 0.36 17.65
CA SER B 61 -17.18 0.06 18.90
C SER B 61 -18.05 0.31 20.12
N ARG B 62 -19.08 1.14 20.00
CA ARG B 62 -19.88 1.60 21.13
C ARG B 62 -21.16 0.80 21.34
N PHE B 63 -21.35 -0.30 20.61
CA PHE B 63 -22.51 -1.16 20.79
C PHE B 63 -22.02 -2.54 21.19
N ARG B 64 -22.31 -2.94 22.43
CA ARG B 64 -21.88 -4.22 22.96
C ARG B 64 -23.04 -4.90 23.68
N VAL B 65 -23.19 -6.19 23.44
CA VAL B 65 -24.17 -7.02 24.13
C VAL B 65 -23.42 -7.89 25.13
N THR B 66 -23.80 -7.80 26.40
CA THR B 66 -23.18 -8.57 27.46
C THR B 66 -24.21 -9.52 28.07
N GLN B 67 -23.73 -10.66 28.55
CA GLN B 67 -24.57 -11.66 29.19
C GLN B 67 -24.43 -11.55 30.70
N LEU B 68 -25.56 -11.42 31.39
CA LEU B 68 -25.57 -11.36 32.84
C LEU B 68 -25.46 -12.78 33.40
N PRO B 69 -24.96 -12.92 34.68
CA PRO B 69 -24.54 -14.22 35.22
C PRO B 69 -25.28 -15.46 34.73
N ASN B 70 -26.22 -15.98 35.52
CA ASN B 70 -27.15 -17.00 35.02
C ASN B 70 -28.55 -16.43 34.83
N GLY B 71 -28.75 -15.16 35.17
CA GLY B 71 -29.90 -14.45 34.66
C GLY B 71 -29.86 -14.54 33.16
N ARG B 72 -30.84 -15.20 32.57
CA ARG B 72 -30.84 -15.45 31.14
C ARG B 72 -31.12 -14.20 30.32
N ASP B 73 -31.05 -13.02 30.94
CA ASP B 73 -31.26 -11.75 30.25
C ASP B 73 -29.92 -11.12 29.89
N PHE B 74 -29.88 -10.45 28.75
CA PHE B 74 -28.67 -9.82 28.23
C PHE B 74 -28.81 -8.31 28.31
N HIS B 75 -27.68 -7.61 28.23
CA HIS B 75 -27.62 -6.17 28.33
C HIS B 75 -27.22 -5.57 26.98
N MET B 76 -28.20 -5.01 26.28
CA MET B 76 -27.91 -4.20 25.09
C MET B 76 -27.58 -2.79 25.57
N SER B 77 -26.30 -2.42 25.52
CA SER B 77 -25.87 -1.18 26.14
C SER B 77 -25.23 -0.24 25.12
N VAL B 78 -25.66 1.01 25.15
CA VAL B 78 -25.08 2.09 24.37
C VAL B 78 -24.10 2.84 25.26
N VAL B 79 -22.96 3.21 24.70
CA VAL B 79 -21.98 4.01 25.46
C VAL B 79 -21.81 5.35 24.77
N ARG B 80 -21.67 6.39 25.59
CA ARG B 80 -21.49 7.78 25.16
C ARG B 80 -22.47 8.13 24.04
N ALA B 81 -23.74 8.19 24.45
CA ALA B 81 -24.84 8.34 23.50
C ALA B 81 -24.71 9.64 22.72
N ARG B 82 -24.94 9.55 21.41
CA ARG B 82 -24.87 10.68 20.52
C ARG B 82 -26.26 11.29 20.34
N ARG B 83 -26.31 12.36 19.55
CA ARG B 83 -27.59 13.04 19.30
C ARG B 83 -28.49 12.24 18.36
N ASN B 84 -27.89 11.47 17.44
CA ASN B 84 -28.65 10.49 16.68
C ASN B 84 -29.09 9.41 17.65
N ASP B 85 -28.59 8.18 17.51
CA ASP B 85 -28.89 7.06 18.39
C ASP B 85 -30.37 6.91 18.72
N SER B 86 -31.04 8.01 19.06
CA SER B 86 -32.49 8.02 19.29
C SER B 86 -33.22 7.38 18.11
N GLY B 87 -34.22 6.57 18.42
CA GLY B 87 -34.99 5.89 17.40
C GLY B 87 -35.67 4.66 17.98
N THR B 88 -35.85 3.66 17.13
CA THR B 88 -36.52 2.42 17.49
C THR B 88 -35.48 1.30 17.57
N TYR B 89 -35.66 0.41 18.54
CA TYR B 89 -34.73 -0.70 18.74
C TYR B 89 -35.52 -1.95 19.11
N LEU B 90 -34.89 -3.11 18.86
CA LEU B 90 -35.59 -4.38 18.99
C LEU B 90 -34.57 -5.51 19.13
N CYS B 91 -34.96 -6.53 19.89
CA CYS B 91 -34.13 -7.70 20.13
C CYS B 91 -34.74 -8.92 19.44
N GLY B 92 -33.91 -9.67 18.73
CA GLY B 92 -34.35 -10.88 18.07
C GLY B 92 -33.42 -12.03 18.39
N ALA B 93 -33.95 -13.24 18.24
CA ALA B 93 -33.19 -14.45 18.55
C ALA B 93 -33.36 -15.46 17.43
N ILE B 94 -32.26 -16.09 17.02
CA ILE B 94 -32.24 -17.07 15.95
C ILE B 94 -31.58 -18.34 16.47
N SER B 95 -32.21 -19.49 16.21
CA SER B 95 -31.68 -20.77 16.63
C SER B 95 -32.10 -21.84 15.64
N LEU B 96 -31.25 -22.86 15.48
CA LEU B 96 -31.53 -23.97 14.59
C LEU B 96 -31.30 -25.30 15.29
N ALA B 100 -34.77 -24.84 13.70
CA ALA B 100 -35.48 -23.89 12.86
C ALA B 100 -36.43 -23.02 13.68
N GLN B 101 -36.01 -21.79 13.96
CA GLN B 101 -36.82 -20.87 14.76
C GLN B 101 -36.20 -19.49 14.74
N ILE B 102 -37.05 -18.47 14.83
CA ILE B 102 -36.63 -17.10 15.07
C ILE B 102 -37.76 -16.35 15.76
N LYS B 103 -37.47 -15.78 16.92
CA LYS B 103 -38.45 -15.03 17.70
C LYS B 103 -37.89 -13.65 18.02
N GLU B 104 -38.73 -12.63 17.83
CA GLU B 104 -38.34 -11.25 18.07
C GLU B 104 -39.26 -10.62 19.12
N SER B 105 -38.81 -9.51 19.68
CA SER B 105 -39.45 -8.91 20.83
C SER B 105 -40.46 -7.84 20.40
N LEU B 106 -41.03 -7.19 21.42
CA LEU B 106 -41.79 -5.96 21.21
C LEU B 106 -40.82 -4.79 21.14
N ARG B 107 -41.01 -3.92 20.14
CA ARG B 107 -40.16 -2.76 20.01
C ARG B 107 -40.21 -1.91 21.28
N ALA B 108 -39.06 -1.32 21.63
CA ALA B 108 -38.94 -0.49 22.81
C ALA B 108 -38.27 0.82 22.45
N GLU B 109 -38.89 1.94 22.84
CA GLU B 109 -38.44 3.27 22.46
C GLU B 109 -37.30 3.72 23.38
N LEU B 110 -36.52 4.70 22.90
CA LEU B 110 -35.46 5.30 23.71
C LEU B 110 -35.51 6.82 23.56
N ARG B 111 -34.94 7.52 24.54
CA ARG B 111 -35.04 8.97 24.64
C ARG B 111 -33.68 9.54 25.03
N VAL B 112 -33.12 10.38 24.18
CA VAL B 112 -31.87 11.08 24.50
C VAL B 112 -32.15 12.56 24.70
N GLU C 1 -4.34 -14.62 13.15
CA GLU C 1 -4.49 -15.66 12.12
C GLU C 1 -4.95 -16.98 12.73
N ILE C 2 -5.77 -17.70 11.97
CA ILE C 2 -6.12 -19.09 12.26
C ILE C 2 -5.82 -19.90 11.00
N VAL C 3 -5.02 -20.95 11.15
CA VAL C 3 -4.58 -21.75 10.02
C VAL C 3 -5.42 -23.01 9.94
N LEU C 4 -6.01 -23.26 8.78
CA LEU C 4 -6.80 -24.46 8.54
C LEU C 4 -5.98 -25.43 7.69
N THR C 5 -5.77 -26.64 8.22
CA THR C 5 -5.01 -27.67 7.54
C THR C 5 -5.97 -28.76 7.08
N GLN C 6 -6.01 -29.00 5.77
CA GLN C 6 -6.85 -30.03 5.18
C GLN C 6 -6.00 -31.24 4.84
N SER C 7 -6.33 -32.38 5.41
CA SER C 7 -5.63 -33.62 5.11
C SER C 7 -6.58 -34.65 4.53
N PRO C 8 -6.14 -35.36 3.49
CA PRO C 8 -4.91 -35.11 2.72
C PRO C 8 -5.13 -34.21 1.51
N ALA C 9 -4.10 -34.01 0.70
CA ALA C 9 -4.16 -33.06 -0.41
C ALA C 9 -4.92 -33.63 -1.61
N THR C 10 -4.56 -34.84 -2.03
CA THR C 10 -5.17 -35.46 -3.21
C THR C 10 -5.68 -36.84 -2.81
N LEU C 11 -6.95 -37.12 -3.11
CA LEU C 11 -7.61 -38.33 -2.63
C LEU C 11 -8.06 -39.22 -3.76
N SER C 12 -8.07 -40.53 -3.50
CA SER C 12 -8.21 -41.55 -4.54
C SER C 12 -9.49 -42.33 -4.28
N LEU C 13 -10.35 -42.44 -5.29
CA LEU C 13 -11.47 -43.37 -5.29
C LEU C 13 -12.23 -43.22 -6.60
N SER C 14 -12.88 -44.32 -7.02
CA SER C 14 -13.64 -44.44 -8.26
C SER C 14 -15.13 -44.19 -7.98
N PRO C 15 -15.90 -43.71 -9.00
CA PRO C 15 -17.24 -43.17 -8.73
C PRO C 15 -18.22 -44.16 -8.10
N GLY C 16 -18.06 -44.43 -6.81
CA GLY C 16 -18.97 -45.30 -6.10
C GLY C 16 -18.61 -45.39 -4.63
N GLU C 17 -17.33 -45.26 -4.33
CA GLU C 17 -16.85 -45.30 -2.96
C GLU C 17 -17.28 -44.05 -2.20
N ARG C 18 -16.91 -44.00 -0.93
CA ARG C 18 -17.22 -42.86 -0.07
C ARG C 18 -15.95 -42.32 0.55
N ALA C 19 -15.88 -41.00 0.68
CA ALA C 19 -14.67 -40.32 1.12
C ALA C 19 -14.95 -39.44 2.33
N THR C 20 -13.92 -39.22 3.13
CA THR C 20 -13.94 -38.27 4.23
C THR C 20 -12.75 -37.34 4.09
N LEU C 21 -13.02 -36.03 4.08
CA LEU C 21 -11.99 -35.01 3.98
C LEU C 21 -11.87 -34.28 5.31
N SER C 22 -10.64 -34.10 5.77
CA SER C 22 -10.40 -33.53 7.10
C SER C 22 -10.11 -32.04 7.01
N CYS C 23 -10.56 -31.32 8.05
CA CYS C 23 -10.19 -29.93 8.29
C CYS C 23 -9.83 -29.79 9.77
N ARG C 24 -8.63 -29.30 10.05
CA ARG C 24 -8.09 -29.25 11.40
C ARG C 24 -7.50 -27.87 11.63
N ALA C 25 -7.93 -27.19 12.68
CA ALA C 25 -7.58 -25.79 12.91
C ALA C 25 -6.59 -25.65 14.05
N SER C 26 -5.76 -24.62 13.97
CA SER C 26 -4.84 -24.29 15.05
C SER C 26 -5.59 -23.85 16.29
N LYS C 27 -6.72 -23.19 16.11
CA LYS C 27 -7.55 -22.66 17.18
C LYS C 27 -8.95 -23.19 16.98
N GLY C 28 -9.64 -23.50 18.08
CA GLY C 28 -10.96 -24.09 17.97
C GLY C 28 -11.95 -23.06 17.49
N VAL C 29 -12.71 -23.39 16.44
CA VAL C 29 -13.60 -22.41 15.82
C VAL C 29 -14.99 -22.39 16.45
N SER C 30 -15.22 -23.18 17.50
CA SER C 30 -16.54 -23.33 18.08
C SER C 30 -16.76 -22.37 19.26
N THR C 31 -18.00 -21.89 19.38
CA THR C 31 -18.40 -21.01 20.47
C THR C 31 -19.91 -20.94 20.53
N SER C 32 -20.47 -21.15 21.74
CA SER C 32 -21.90 -21.00 22.01
C SER C 32 -22.74 -21.94 21.15
N GLY C 33 -22.33 -23.21 21.12
CA GLY C 33 -23.09 -24.22 20.42
C GLY C 33 -23.05 -24.15 18.91
N TYR C 34 -22.11 -23.41 18.33
CA TYR C 34 -21.95 -23.33 16.89
C TYR C 34 -20.48 -23.29 16.54
N SER C 35 -20.13 -23.95 15.44
CA SER C 35 -18.76 -24.04 14.96
C SER C 35 -18.65 -23.23 13.68
N TYR C 36 -17.87 -22.13 13.73
CA TYR C 36 -17.78 -21.20 12.61
C TYR C 36 -16.85 -21.79 11.55
N LEU C 37 -17.38 -22.75 10.80
CA LEU C 37 -16.61 -23.43 9.76
C LEU C 37 -17.54 -23.87 8.64
N HIS C 38 -17.15 -23.61 7.40
CA HIS C 38 -17.99 -23.90 6.24
C HIS C 38 -17.20 -24.70 5.21
N TRP C 39 -17.93 -25.45 4.39
CA TRP C 39 -17.34 -26.30 3.35
C TRP C 39 -17.83 -25.85 1.99
N TYR C 40 -16.90 -25.57 1.08
CA TYR C 40 -17.21 -25.17 -0.27
C TYR C 40 -16.60 -26.14 -1.28
N GLN C 41 -17.25 -26.29 -2.42
CA GLN C 41 -16.74 -27.03 -3.55
C GLN C 41 -16.40 -26.08 -4.69
N GLN C 42 -15.28 -26.32 -5.36
CA GLN C 42 -14.86 -25.48 -6.48
C GLN C 42 -14.50 -26.34 -7.67
N LYS C 43 -15.07 -26.00 -8.83
CA LYS C 43 -14.63 -26.56 -10.10
C LYS C 43 -13.75 -25.56 -10.84
N PRO C 44 -12.72 -26.03 -11.54
CA PRO C 44 -11.80 -25.10 -12.21
C PRO C 44 -12.52 -24.18 -13.17
N GLY C 45 -12.21 -22.89 -13.08
CA GLY C 45 -12.82 -21.88 -13.91
C GLY C 45 -14.12 -21.32 -13.38
N GLN C 46 -14.63 -21.84 -12.27
CA GLN C 46 -15.88 -21.41 -11.69
C GLN C 46 -15.66 -20.97 -10.25
N ALA C 47 -16.67 -20.30 -9.71
CA ALA C 47 -16.64 -19.87 -8.32
C ALA C 47 -16.93 -21.03 -7.39
N PRO C 48 -16.52 -20.94 -6.12
CA PRO C 48 -16.89 -21.98 -5.16
C PRO C 48 -18.37 -21.96 -4.85
N ARG C 49 -18.94 -23.15 -4.65
CA ARG C 49 -20.31 -23.30 -4.18
C ARG C 49 -20.30 -23.76 -2.73
N LEU C 50 -21.15 -23.18 -1.91
CA LEU C 50 -21.26 -23.57 -0.52
C LEU C 50 -22.06 -24.87 -0.40
N LEU C 51 -21.52 -25.83 0.34
CA LEU C 51 -22.22 -27.06 0.63
C LEU C 51 -22.75 -27.04 2.06
N ILE C 52 -21.86 -27.06 3.04
CA ILE C 52 -22.21 -27.17 4.46
C ILE C 52 -21.72 -25.95 5.19
N TYR C 53 -22.57 -25.34 6.01
CA TYR C 53 -22.20 -24.18 6.80
C TYR C 53 -22.27 -24.51 8.29
N LEU C 54 -21.33 -23.94 9.04
CA LEU C 54 -21.22 -24.15 10.48
C LEU C 54 -21.17 -25.63 10.84
N ALA C 55 -20.45 -26.38 10.01
CA ALA C 55 -19.94 -27.73 10.22
C ALA C 55 -21.01 -28.84 10.14
N SER C 56 -22.29 -28.52 10.03
CA SER C 56 -23.28 -29.59 9.97
C SER C 56 -24.50 -29.29 9.11
N TYR C 57 -24.87 -28.03 8.91
CA TYR C 57 -26.11 -27.68 8.24
C TYR C 57 -25.90 -27.61 6.73
N LEU C 58 -26.85 -28.20 6.01
CA LEU C 58 -26.75 -28.41 4.57
C LEU C 58 -27.42 -27.25 3.84
N GLU C 59 -26.65 -26.53 3.03
CA GLU C 59 -27.24 -25.50 2.18
C GLU C 59 -28.24 -26.11 1.23
N SER C 60 -29.37 -25.42 1.03
CA SER C 60 -30.45 -25.98 0.22
C SER C 60 -29.97 -26.28 -1.19
N GLY C 61 -30.43 -27.42 -1.73
CA GLY C 61 -30.20 -27.76 -3.12
C GLY C 61 -28.98 -28.63 -3.39
N VAL C 62 -28.27 -29.08 -2.37
CA VAL C 62 -27.12 -29.96 -2.51
C VAL C 62 -27.44 -31.31 -1.85
N PRO C 63 -27.14 -32.43 -2.47
CA PRO C 63 -27.78 -33.70 -2.07
C PRO C 63 -27.31 -34.24 -0.72
N ALA C 64 -27.96 -35.33 -0.30
CA ALA C 64 -27.75 -35.89 1.04
C ALA C 64 -26.44 -36.64 1.20
N ARG C 65 -25.72 -36.90 0.10
CA ARG C 65 -24.41 -37.56 0.21
C ARG C 65 -23.47 -36.78 1.11
N PHE C 66 -23.54 -35.44 1.08
CA PHE C 66 -22.66 -34.61 1.88
C PHE C 66 -23.09 -34.62 3.34
N SER C 67 -22.10 -34.69 4.24
CA SER C 67 -22.36 -34.67 5.68
C SER C 67 -21.22 -33.94 6.37
N GLY C 68 -21.57 -33.11 7.35
CA GLY C 68 -20.60 -32.36 8.12
C GLY C 68 -20.60 -32.83 9.57
N SER C 69 -19.41 -32.81 10.17
CA SER C 69 -19.26 -33.24 11.56
C SER C 69 -17.95 -32.69 12.10
N GLY C 70 -17.81 -32.78 13.42
CA GLY C 70 -16.68 -32.24 14.12
C GLY C 70 -17.06 -31.04 15.00
N SER C 71 -16.18 -30.70 15.92
CA SER C 71 -16.44 -29.58 16.81
C SER C 71 -15.14 -29.10 17.42
N GLY C 72 -15.20 -27.89 17.99
CA GLY C 72 -14.06 -27.29 18.64
C GLY C 72 -13.00 -26.88 17.64
N THR C 73 -11.88 -27.61 17.63
CA THR C 73 -10.77 -27.28 16.76
C THR C 73 -10.86 -27.92 15.38
N ASP C 74 -11.83 -28.81 15.15
CA ASP C 74 -11.64 -29.89 14.16
C ASP C 74 -12.94 -30.40 13.54
N PHE C 75 -12.86 -30.78 12.26
CA PHE C 75 -14.03 -31.16 11.46
C PHE C 75 -13.61 -32.03 10.28
N THR C 76 -14.57 -32.81 9.78
CA THR C 76 -14.43 -33.52 8.51
C THR C 76 -15.76 -33.51 7.77
N LEU C 77 -15.67 -33.49 6.43
CA LEU C 77 -16.81 -33.63 5.54
C LEU C 77 -16.75 -34.98 4.85
N THR C 78 -17.90 -35.62 4.69
CA THR C 78 -17.95 -36.92 4.04
C THR C 78 -19.03 -36.95 2.96
N ILE C 79 -18.71 -37.59 1.84
CA ILE C 79 -19.67 -37.90 0.79
C ILE C 79 -19.78 -39.41 0.69
N SER C 80 -21.00 -39.94 0.72
CA SER C 80 -21.19 -41.38 0.65
C SER C 80 -21.00 -41.84 -0.80
N SER C 81 -22.07 -42.27 -1.46
CA SER C 81 -21.99 -42.55 -2.88
C SER C 81 -21.40 -41.35 -3.61
N LEU C 82 -20.42 -41.59 -4.47
CA LEU C 82 -19.78 -40.51 -5.23
C LEU C 82 -20.24 -40.57 -6.68
N GLU C 83 -20.63 -39.42 -7.21
CA GLU C 83 -21.08 -39.30 -8.57
C GLU C 83 -20.04 -38.56 -9.43
N PRO C 84 -20.29 -38.45 -10.74
CA PRO C 84 -19.39 -37.63 -11.58
C PRO C 84 -19.22 -36.19 -11.10
N GLU C 85 -20.28 -35.58 -10.60
CA GLU C 85 -20.24 -34.17 -10.20
C GLU C 85 -19.36 -33.93 -8.98
N ASP C 86 -18.97 -34.97 -8.26
CA ASP C 86 -18.20 -34.83 -7.02
C ASP C 86 -16.71 -34.73 -7.25
N PHE C 87 -16.24 -34.67 -8.49
CA PHE C 87 -14.81 -34.61 -8.78
C PHE C 87 -14.40 -33.15 -8.85
N ALA C 88 -13.87 -32.63 -7.74
CA ALA C 88 -13.49 -31.22 -7.65
C ALA C 88 -12.64 -31.05 -6.40
N VAL C 89 -12.28 -29.79 -6.12
CA VAL C 89 -11.55 -29.40 -4.92
C VAL C 89 -12.54 -28.84 -3.92
N TYR C 90 -12.30 -29.09 -2.63
CA TYR C 90 -13.16 -28.56 -1.58
C TYR C 90 -12.32 -27.85 -0.54
N TYR C 91 -12.76 -26.66 -0.15
CA TYR C 91 -12.10 -25.86 0.86
C TYR C 91 -12.95 -25.80 2.13
N CYS C 92 -12.29 -25.60 3.25
CA CYS C 92 -12.96 -25.27 4.51
C CYS C 92 -12.51 -23.90 4.96
N GLN C 93 -13.47 -23.10 5.41
CA GLN C 93 -13.23 -21.72 5.82
C GLN C 93 -13.73 -21.52 7.23
N HIS C 94 -13.01 -20.72 8.01
CA HIS C 94 -13.40 -20.40 9.37
C HIS C 94 -13.96 -18.98 9.43
N SER C 95 -14.49 -18.62 10.59
CA SER C 95 -15.10 -17.30 10.77
C SER C 95 -15.17 -16.89 12.23
N ARG C 96 -14.51 -17.65 13.12
CA ARG C 96 -14.51 -17.31 14.53
C ARG C 96 -13.89 -15.94 14.79
N ASP C 97 -12.85 -15.59 14.02
CA ASP C 97 -12.21 -14.29 14.16
C ASP C 97 -11.61 -13.89 12.83
N LEU C 98 -11.08 -12.67 12.79
CA LEU C 98 -10.40 -12.16 11.60
C LEU C 98 -8.88 -12.31 11.74
N PRO C 99 -8.18 -12.50 10.61
CA PRO C 99 -8.73 -12.59 9.25
C PRO C 99 -9.35 -13.96 8.95
N LEU C 100 -10.44 -13.97 8.20
CA LEU C 100 -10.96 -15.22 7.68
C LEU C 100 -9.91 -15.90 6.81
N THR C 101 -9.70 -17.19 7.03
CA THR C 101 -8.76 -17.96 6.24
C THR C 101 -9.44 -19.23 5.73
N PHE C 102 -8.95 -19.70 4.60
CA PHE C 102 -9.41 -20.94 3.99
C PHE C 102 -8.35 -22.01 4.14
N GLY C 103 -8.77 -23.26 4.02
CA GLY C 103 -7.83 -24.36 4.03
C GLY C 103 -7.06 -24.46 2.73
N GLY C 104 -6.04 -25.33 2.73
CA GLY C 104 -5.27 -25.55 1.52
C GLY C 104 -6.07 -26.22 0.43
N GLY C 105 -7.08 -26.99 0.79
CA GLY C 105 -7.93 -27.67 -0.16
C GLY C 105 -7.56 -29.13 -0.32
N THR C 106 -8.54 -29.91 -0.79
CA THR C 106 -8.32 -31.32 -1.12
C THR C 106 -8.99 -31.62 -2.44
N LYS C 107 -8.25 -32.24 -3.35
CA LYS C 107 -8.72 -32.58 -4.68
C LYS C 107 -9.24 -34.02 -4.68
N VAL C 108 -10.46 -34.21 -5.17
CA VAL C 108 -11.00 -35.55 -5.37
C VAL C 108 -10.58 -36.00 -6.76
N GLU C 109 -9.71 -37.00 -6.81
CA GLU C 109 -9.10 -37.49 -8.03
C GLU C 109 -9.63 -38.89 -8.32
N ILE C 110 -10.03 -39.13 -9.58
CA ILE C 110 -10.56 -40.44 -9.95
C ILE C 110 -9.48 -41.50 -9.76
N LYS C 111 -9.80 -42.53 -8.98
CA LYS C 111 -8.88 -43.64 -8.83
C LYS C 111 -8.77 -44.40 -10.15
N ARG C 112 -7.57 -44.86 -10.46
CA ARG C 112 -7.30 -45.50 -11.74
C ARG C 112 -6.11 -46.43 -11.56
N THR C 113 -6.05 -47.46 -12.40
CA THR C 113 -4.86 -48.29 -12.47
C THR C 113 -3.66 -47.46 -12.91
N VAL C 114 -2.48 -47.85 -12.45
CA VAL C 114 -1.26 -47.09 -12.75
C VAL C 114 -0.94 -47.19 -14.24
N ALA C 115 -0.39 -46.10 -14.78
CA ALA C 115 0.02 -46.05 -16.17
C ALA C 115 1.36 -45.35 -16.29
N ALA C 116 2.24 -45.91 -17.13
CA ALA C 116 3.53 -45.31 -17.42
C ALA C 116 3.36 -44.16 -18.40
N PRO C 117 4.28 -43.19 -18.39
CA PRO C 117 4.16 -42.06 -19.33
C PRO C 117 5.05 -42.24 -20.55
N SER C 118 4.45 -42.17 -21.74
CA SER C 118 5.26 -41.98 -22.94
C SER C 118 5.98 -40.65 -22.83
N VAL C 119 7.28 -40.66 -23.08
CA VAL C 119 8.12 -39.49 -22.89
C VAL C 119 8.79 -39.13 -24.20
N PHE C 120 8.81 -37.83 -24.52
CA PHE C 120 9.37 -37.34 -25.76
C PHE C 120 10.13 -36.04 -25.47
N ILE C 121 11.10 -35.75 -26.32
CA ILE C 121 11.93 -34.55 -26.19
C ILE C 121 12.01 -33.86 -27.55
N PHE C 122 11.87 -32.53 -27.55
CA PHE C 122 11.94 -31.73 -28.75
C PHE C 122 13.02 -30.66 -28.61
N PRO C 123 13.98 -30.58 -29.52
CA PRO C 123 14.97 -29.52 -29.47
C PRO C 123 14.47 -28.27 -30.17
N PRO C 124 15.10 -27.12 -29.95
CA PRO C 124 14.54 -25.85 -30.45
C PRO C 124 14.35 -25.83 -31.96
N SER C 125 13.26 -25.20 -32.39
CA SER C 125 12.97 -25.07 -33.81
C SER C 125 13.85 -24.00 -34.44
N ASP C 126 14.33 -24.29 -35.66
CA ASP C 126 15.34 -23.45 -36.30
C ASP C 126 14.77 -22.12 -36.80
N GLU C 127 13.63 -21.69 -36.26
CA GLU C 127 13.25 -20.29 -36.27
C GLU C 127 13.55 -19.61 -34.93
N GLN C 128 13.56 -20.39 -33.85
CA GLN C 128 13.78 -19.84 -32.52
C GLN C 128 15.27 -19.59 -32.25
N LEU C 129 16.14 -20.50 -32.69
CA LEU C 129 17.57 -20.27 -32.56
C LEU C 129 18.00 -18.98 -33.23
N LYS C 130 17.29 -18.58 -34.28
CA LYS C 130 17.55 -17.32 -34.97
C LYS C 130 17.45 -16.15 -34.00
N SER C 131 18.57 -15.79 -33.36
CA SER C 131 18.67 -14.66 -32.45
C SER C 131 17.79 -14.81 -31.22
N GLY C 132 16.57 -15.31 -31.38
CA GLY C 132 15.76 -15.69 -30.24
C GLY C 132 16.48 -16.72 -29.40
N THR C 133 15.92 -16.97 -28.21
CA THR C 133 16.54 -17.92 -27.29
C THR C 133 16.43 -19.35 -27.82
N ALA C 134 16.46 -20.34 -26.93
CA ALA C 134 16.38 -21.73 -27.35
C ALA C 134 15.59 -22.51 -26.31
N SER C 135 14.45 -23.06 -26.73
CA SER C 135 13.56 -23.79 -25.84
C SER C 135 13.56 -25.28 -26.22
N VAL C 136 13.84 -26.13 -25.24
CA VAL C 136 13.71 -27.57 -25.38
C VAL C 136 12.68 -28.05 -24.36
N VAL C 137 11.68 -28.79 -24.84
CA VAL C 137 10.54 -29.19 -24.03
C VAL C 137 10.56 -30.70 -23.84
N CYS C 138 10.30 -31.13 -22.62
CA CYS C 138 10.13 -32.54 -22.30
C CYS C 138 8.65 -32.82 -22.08
N LEU C 139 8.14 -33.85 -22.74
CA LEU C 139 6.72 -34.19 -22.69
C LEU C 139 6.55 -35.50 -21.92
N LEU C 140 5.73 -35.48 -20.88
CA LEU C 140 5.23 -36.67 -20.21
C LEU C 140 3.76 -36.81 -20.56
N ASN C 141 3.38 -37.97 -21.10
CA ASN C 141 2.05 -38.12 -21.69
C ASN C 141 1.32 -39.28 -21.05
N ASN C 142 0.10 -39.01 -20.56
CA ASN C 142 -0.82 -40.03 -20.09
C ASN C 142 -0.19 -40.93 -19.03
N PHE C 143 -0.12 -40.44 -17.79
CA PHE C 143 0.43 -41.21 -16.69
C PHE C 143 -0.45 -41.04 -15.46
N TYR C 144 -0.33 -41.99 -14.54
CA TYR C 144 -1.06 -41.97 -13.28
C TYR C 144 -0.29 -42.80 -12.26
N PRO C 145 -0.20 -42.33 -11.00
CA PRO C 145 -0.80 -41.09 -10.48
C PRO C 145 -0.08 -39.84 -10.95
N ARG C 146 -0.52 -38.72 -10.38
CA ARG C 146 -0.08 -37.42 -10.89
C ARG C 146 1.38 -37.18 -10.51
N GLU C 147 1.76 -37.48 -9.27
CA GLU C 147 3.10 -37.19 -8.77
C GLU C 147 4.16 -37.87 -9.63
N ALA C 148 5.13 -37.07 -10.07
CA ALA C 148 6.24 -37.54 -10.88
C ALA C 148 7.38 -36.55 -10.72
N LYS C 149 8.55 -36.95 -11.21
CA LYS C 149 9.77 -36.13 -11.11
C LYS C 149 10.45 -36.10 -12.47
N VAL C 150 10.87 -34.90 -12.87
CA VAL C 150 11.61 -34.70 -14.11
C VAL C 150 12.84 -33.88 -13.80
N GLN C 151 14.00 -34.35 -14.26
CA GLN C 151 15.27 -33.67 -14.04
C GLN C 151 15.89 -33.37 -15.39
N TRP C 152 16.37 -32.13 -15.57
CA TRP C 152 16.97 -31.71 -16.83
C TRP C 152 18.47 -31.95 -16.77
N LYS C 153 18.98 -32.72 -17.73
CA LYS C 153 20.39 -33.06 -17.81
C LYS C 153 20.95 -32.54 -19.13
N VAL C 154 22.07 -31.84 -19.05
CA VAL C 154 22.72 -31.25 -20.21
C VAL C 154 24.18 -31.73 -20.20
N ASP C 155 24.54 -32.53 -21.21
CA ASP C 155 25.66 -33.48 -21.18
C ASP C 155 26.05 -33.81 -19.74
N ASN C 156 25.07 -34.29 -18.96
CA ASN C 156 25.24 -34.70 -17.57
C ASN C 156 25.55 -33.52 -16.64
N ALA C 157 25.07 -32.33 -16.98
CA ALA C 157 25.10 -31.20 -16.05
C ALA C 157 23.71 -31.04 -15.46
N LEU C 158 23.57 -31.29 -14.17
CA LEU C 158 22.29 -31.13 -13.49
C LEU C 158 21.87 -29.67 -13.50
N GLN C 159 20.59 -29.44 -13.79
CA GLN C 159 20.02 -28.10 -13.92
C GLN C 159 18.91 -27.92 -12.90
N SER C 160 18.86 -26.72 -12.31
CA SER C 160 17.86 -26.42 -11.29
C SER C 160 17.20 -25.07 -11.49
N GLY C 161 17.42 -24.40 -12.62
CA GLY C 161 16.91 -23.05 -12.78
C GLY C 161 15.92 -22.88 -13.91
N ASN C 162 16.29 -23.27 -15.12
CA ASN C 162 15.49 -22.97 -16.31
C ASN C 162 14.49 -24.07 -16.63
N SER C 163 13.65 -24.43 -15.67
CA SER C 163 12.63 -25.44 -15.89
C SER C 163 11.27 -24.89 -15.48
N GLN C 164 10.32 -24.93 -16.40
CA GLN C 164 8.94 -24.54 -16.13
C GLN C 164 8.02 -25.62 -16.67
N GLU C 165 7.09 -26.08 -15.84
CA GLU C 165 6.23 -27.19 -16.22
C GLU C 165 4.79 -26.88 -15.85
N SER C 166 3.88 -27.24 -16.75
CA SER C 166 2.45 -27.24 -16.48
C SER C 166 1.88 -28.60 -16.86
N VAL C 167 0.72 -28.91 -16.29
CA VAL C 167 0.11 -30.24 -16.39
C VAL C 167 -1.36 -30.05 -16.73
N THR C 168 -1.86 -30.91 -17.61
CA THR C 168 -3.27 -30.84 -17.96
C THR C 168 -4.13 -31.26 -16.78
N GLU C 169 -5.41 -30.92 -16.86
CA GLU C 169 -6.40 -31.48 -15.96
C GLU C 169 -6.61 -32.96 -16.28
N GLN C 170 -6.93 -33.73 -15.25
CA GLN C 170 -7.15 -35.16 -15.37
C GLN C 170 -8.05 -35.48 -16.55
N ASP C 171 -7.54 -36.31 -17.46
CA ASP C 171 -8.26 -36.60 -18.70
C ASP C 171 -9.64 -37.17 -18.40
N SER C 172 -10.61 -36.78 -19.23
CA SER C 172 -11.96 -37.32 -19.11
C SER C 172 -12.21 -38.31 -20.24
N LYS C 173 -11.31 -39.27 -20.39
CA LYS C 173 -11.41 -40.29 -21.43
C LYS C 173 -10.49 -41.45 -21.06
N ASP C 174 -9.30 -41.11 -20.52
CA ASP C 174 -8.38 -42.10 -19.97
C ASP C 174 -8.04 -41.84 -18.52
N SER C 175 -8.47 -40.72 -17.95
CA SER C 175 -8.17 -40.36 -16.56
C SER C 175 -6.67 -40.30 -16.33
N THR C 176 -5.97 -39.63 -17.25
CA THR C 176 -4.51 -39.60 -17.26
C THR C 176 -4.02 -38.17 -17.27
N TYR C 177 -3.09 -37.86 -16.37
CA TYR C 177 -2.42 -36.57 -16.37
C TYR C 177 -1.31 -36.55 -17.41
N SER C 178 -1.03 -35.37 -17.94
CA SER C 178 0.05 -35.18 -18.91
C SER C 178 0.75 -33.87 -18.62
N LEU C 179 2.08 -33.91 -18.56
CA LEU C 179 2.88 -32.76 -18.17
C LEU C 179 3.94 -32.47 -19.22
N SER C 180 4.28 -31.19 -19.37
CA SER C 180 5.34 -30.74 -20.25
C SER C 180 6.29 -29.85 -19.47
N SER C 181 7.59 -30.10 -19.59
CA SER C 181 8.62 -29.30 -18.94
C SER C 181 9.46 -28.62 -20.02
N THR C 182 9.66 -27.32 -19.89
CA THR C 182 10.36 -26.53 -20.90
C THR C 182 11.68 -25.99 -20.33
N LEU C 183 12.75 -26.11 -21.10
CA LEU C 183 14.06 -25.57 -20.76
C LEU C 183 14.44 -24.56 -21.84
N THR C 184 14.56 -23.29 -21.46
CA THR C 184 14.75 -22.18 -22.39
C THR C 184 16.15 -21.59 -22.18
N LEU C 185 17.05 -21.88 -23.10
CA LEU C 185 18.42 -21.38 -23.02
C LEU C 185 18.67 -20.32 -24.08
N SER C 186 19.72 -19.53 -23.86
CA SER C 186 20.20 -18.64 -24.90
C SER C 186 20.78 -19.45 -26.05
N LYS C 187 20.73 -18.89 -27.26
CA LYS C 187 21.34 -19.55 -28.40
C LYS C 187 22.83 -19.77 -28.19
N ALA C 188 23.47 -18.93 -27.38
CA ALA C 188 24.89 -19.09 -27.10
C ALA C 188 25.14 -20.27 -26.17
N ASP C 189 24.47 -20.30 -25.02
CA ASP C 189 24.71 -21.36 -24.04
C ASP C 189 24.29 -22.72 -24.57
N TYR C 190 23.17 -22.75 -25.31
CA TYR C 190 22.71 -24.00 -25.92
C TYR C 190 23.65 -24.44 -27.05
N GLU C 191 24.36 -23.50 -27.67
CA GLU C 191 25.34 -23.85 -28.70
C GLU C 191 26.58 -24.49 -28.12
N LYS C 192 26.82 -24.34 -26.81
CA LYS C 192 28.05 -24.85 -26.21
C LYS C 192 28.03 -26.37 -26.10
N HIS C 193 26.93 -26.92 -25.61
CA HIS C 193 26.86 -28.33 -25.23
C HIS C 193 26.25 -29.15 -26.36
N LYS C 194 26.29 -30.48 -26.19
CA LYS C 194 26.05 -31.40 -27.30
C LYS C 194 24.86 -32.33 -27.12
N VAL C 195 24.54 -32.75 -25.90
CA VAL C 195 23.42 -33.68 -25.68
C VAL C 195 22.55 -33.15 -24.54
N TYR C 196 21.24 -33.10 -24.78
CA TYR C 196 20.26 -32.67 -23.80
C TYR C 196 19.39 -33.85 -23.41
N ALA C 197 19.31 -34.10 -22.10
CA ALA C 197 18.56 -35.22 -21.57
C ALA C 197 17.52 -34.71 -20.60
N CYS C 198 16.29 -35.17 -20.76
CA CYS C 198 15.25 -35.06 -19.75
C CYS C 198 14.88 -36.47 -19.33
N GLU C 199 15.11 -36.78 -18.06
CA GLU C 199 14.99 -38.12 -17.51
C GLU C 199 13.86 -38.15 -16.48
N VAL C 200 12.71 -38.65 -16.91
CA VAL C 200 11.54 -38.66 -16.03
C VAL C 200 11.67 -39.79 -15.03
N THR C 201 11.17 -39.56 -13.82
CA THR C 201 11.12 -40.60 -12.79
C THR C 201 9.66 -40.82 -12.42
N HIS C 202 9.09 -41.93 -12.90
CA HIS C 202 7.68 -42.23 -12.67
C HIS C 202 7.55 -43.55 -11.93
N GLN C 203 6.54 -43.61 -11.06
CA GLN C 203 6.26 -44.81 -10.29
C GLN C 203 6.02 -46.01 -11.20
N GLY C 204 5.21 -45.83 -12.23
CA GLY C 204 4.91 -46.91 -13.16
C GLY C 204 6.01 -47.21 -14.14
N LEU C 205 7.27 -47.12 -13.69
CA LEU C 205 8.42 -47.48 -14.48
C LEU C 205 9.43 -48.16 -13.58
N SER C 206 9.99 -49.28 -14.03
CA SER C 206 10.98 -50.00 -13.22
C SER C 206 12.16 -49.11 -12.87
N SER C 207 12.55 -48.25 -13.80
CA SER C 207 13.61 -47.28 -13.60
C SER C 207 13.41 -46.15 -14.57
N PRO C 208 14.07 -44.99 -14.36
CA PRO C 208 13.95 -43.88 -15.32
C PRO C 208 14.33 -44.27 -16.75
N VAL C 209 13.85 -43.52 -17.75
CA VAL C 209 13.93 -43.92 -19.17
C VAL C 209 14.20 -42.70 -20.06
N THR C 210 15.41 -42.61 -20.62
CA THR C 210 15.87 -41.41 -21.31
C THR C 210 15.14 -41.13 -22.62
N LYS C 211 15.06 -39.85 -22.95
CA LYS C 211 14.92 -39.37 -24.32
C LYS C 211 15.88 -38.20 -24.50
N SER C 212 16.70 -38.25 -25.56
CA SER C 212 17.68 -37.21 -25.84
C SER C 212 17.74 -36.97 -27.33
N PHE C 213 18.56 -35.98 -27.74
CA PHE C 213 18.72 -35.66 -29.14
C PHE C 213 20.17 -35.34 -29.44
N ASN C 214 20.54 -35.47 -30.71
CA ASN C 214 21.89 -35.22 -31.20
C ASN C 214 21.92 -33.93 -31.99
N ARG C 215 22.91 -33.09 -31.72
CA ARG C 215 23.00 -31.78 -32.37
C ARG C 215 23.83 -31.83 -33.64
N GLN D 1 -34.33 -15.41 -7.79
CA GLN D 1 -33.04 -16.06 -7.99
C GLN D 1 -31.92 -15.05 -7.77
N VAL D 2 -31.04 -15.35 -6.81
CA VAL D 2 -29.97 -14.44 -6.48
C VAL D 2 -28.88 -14.53 -7.54
N GLN D 3 -28.32 -13.38 -7.91
CA GLN D 3 -27.29 -13.32 -8.94
C GLN D 3 -26.29 -12.23 -8.57
N LEU D 4 -25.01 -12.58 -8.63
CA LEU D 4 -23.92 -11.65 -8.40
C LEU D 4 -23.06 -11.60 -9.66
N VAL D 5 -23.11 -10.49 -10.37
CA VAL D 5 -22.45 -10.33 -11.66
C VAL D 5 -21.32 -9.33 -11.49
N GLN D 6 -20.10 -9.76 -11.82
CA GLN D 6 -18.91 -8.93 -11.67
C GLN D 6 -18.44 -8.40 -13.02
N SER D 7 -17.63 -7.36 -12.97
CA SER D 7 -17.14 -6.70 -14.17
C SER D 7 -16.14 -7.60 -14.90
N GLY D 8 -15.73 -7.14 -16.08
CA GLY D 8 -14.88 -7.93 -16.96
C GLY D 8 -13.42 -7.93 -16.53
N VAL D 9 -12.61 -8.61 -17.34
CA VAL D 9 -11.19 -8.79 -17.02
C VAL D 9 -10.46 -7.46 -17.09
N GLU D 10 -9.43 -7.32 -16.25
CA GLU D 10 -8.65 -6.10 -16.15
C GLU D 10 -7.17 -6.43 -16.30
N VAL D 11 -6.45 -5.57 -17.02
CA VAL D 11 -5.01 -5.71 -17.22
C VAL D 11 -4.38 -4.36 -16.88
N LYS D 12 -3.59 -4.33 -15.80
CA LYS D 12 -3.04 -3.09 -15.29
C LYS D 12 -1.52 -3.20 -15.16
N LYS D 13 -0.87 -2.03 -15.14
CA LYS D 13 0.55 -1.93 -14.91
C LYS D 13 0.84 -1.96 -13.41
N PRO D 14 2.03 -2.41 -13.00
CA PRO D 14 2.40 -2.34 -11.59
C PRO D 14 2.39 -0.91 -11.09
N GLY D 15 1.86 -0.72 -9.88
CA GLY D 15 1.70 0.59 -9.31
C GLY D 15 0.37 1.26 -9.61
N ALA D 16 -0.33 0.82 -10.65
CA ALA D 16 -1.62 1.39 -11.00
C ALA D 16 -2.70 0.86 -10.05
N SER D 17 -3.94 1.26 -10.31
CA SER D 17 -5.08 0.89 -9.48
C SER D 17 -6.22 0.37 -10.35
N VAL D 18 -6.95 -0.60 -9.82
CA VAL D 18 -8.07 -1.22 -10.54
C VAL D 18 -9.29 -1.21 -9.63
N LYS D 19 -10.47 -1.11 -10.24
CA LYS D 19 -11.73 -1.11 -9.53
C LYS D 19 -12.63 -2.18 -10.11
N VAL D 20 -13.16 -3.04 -9.23
CA VAL D 20 -14.01 -4.16 -9.63
C VAL D 20 -15.40 -3.95 -9.04
N SER D 21 -16.43 -4.25 -9.82
CA SER D 21 -17.82 -4.07 -9.41
C SER D 21 -18.51 -5.41 -9.27
N CYS D 22 -19.49 -5.46 -8.37
CA CYS D 22 -20.26 -6.67 -8.07
C CYS D 22 -21.72 -6.30 -7.99
N LYS D 23 -22.49 -6.62 -9.04
CA LYS D 23 -23.90 -6.26 -9.11
C LYS D 23 -24.74 -7.40 -8.55
N ALA D 24 -25.59 -7.09 -7.58
CA ALA D 24 -26.44 -8.08 -6.92
C ALA D 24 -27.88 -7.94 -7.38
N SER D 25 -28.55 -9.07 -7.54
CA SER D 25 -29.97 -9.08 -7.89
C SER D 25 -30.60 -10.36 -7.36
N GLY D 26 -31.91 -10.32 -7.15
CA GLY D 26 -32.65 -11.46 -6.69
C GLY D 26 -32.82 -11.58 -5.19
N TYR D 27 -32.49 -10.54 -4.44
CA TYR D 27 -32.66 -10.56 -2.99
C TYR D 27 -32.60 -9.12 -2.48
N THR D 28 -33.03 -8.94 -1.23
CA THR D 28 -32.94 -7.63 -0.60
C THR D 28 -31.48 -7.29 -0.33
N PHE D 29 -31.00 -6.23 -1.00
CA PHE D 29 -29.56 -5.98 -1.08
C PHE D 29 -28.95 -5.70 0.29
N THR D 30 -29.67 -4.98 1.15
CA THR D 30 -29.11 -4.58 2.44
C THR D 30 -29.22 -5.66 3.51
N ASN D 31 -29.82 -6.81 3.20
CA ASN D 31 -29.96 -7.89 4.16
C ASN D 31 -28.83 -8.91 4.06
N TYR D 32 -27.76 -8.61 3.34
CA TYR D 32 -26.66 -9.54 3.20
C TYR D 32 -25.34 -8.78 3.12
N TYR D 33 -24.39 -9.17 3.95
CA TYR D 33 -23.06 -8.57 3.90
C TYR D 33 -22.31 -9.05 2.65
N MET D 34 -21.45 -8.19 2.13
CA MET D 34 -20.68 -8.48 0.93
C MET D 34 -19.21 -8.64 1.29
N TYR D 35 -18.58 -9.69 0.78
CA TYR D 35 -17.19 -10.00 1.07
C TYR D 35 -16.42 -10.23 -0.21
N TRP D 36 -15.13 -9.93 -0.17
CA TRP D 36 -14.24 -10.07 -1.32
C TRP D 36 -13.18 -11.11 -1.03
N VAL D 37 -12.99 -12.03 -1.97
CA VAL D 37 -12.04 -13.14 -1.83
C VAL D 37 -11.35 -13.34 -3.18
N ARG D 38 -10.03 -13.33 -3.17
CA ARG D 38 -9.24 -13.51 -4.39
C ARG D 38 -8.52 -14.84 -4.36
N GLN D 39 -8.08 -15.27 -5.54
CA GLN D 39 -7.45 -16.58 -5.72
C GLN D 39 -6.35 -16.46 -6.76
N ALA D 40 -5.10 -16.41 -6.31
CA ALA D 40 -3.98 -16.41 -7.23
C ALA D 40 -4.00 -17.70 -8.06
N PRO D 41 -3.54 -17.64 -9.31
CA PRO D 41 -3.65 -18.81 -10.20
C PRO D 41 -2.96 -20.04 -9.61
N GLY D 42 -3.69 -21.15 -9.60
CA GLY D 42 -3.17 -22.38 -9.04
C GLY D 42 -2.99 -22.37 -7.55
N GLN D 43 -3.54 -21.39 -6.84
CA GLN D 43 -3.38 -21.25 -5.41
C GLN D 43 -4.74 -21.35 -4.72
N GLY D 44 -4.73 -21.15 -3.40
CA GLY D 44 -5.94 -21.19 -2.60
C GLY D 44 -6.68 -19.86 -2.61
N LEU D 45 -7.58 -19.73 -1.66
CA LEU D 45 -8.45 -18.56 -1.55
C LEU D 45 -7.98 -17.65 -0.43
N GLU D 46 -8.05 -16.34 -0.68
CA GLU D 46 -7.55 -15.33 0.24
C GLU D 46 -8.65 -14.30 0.47
N TRP D 47 -9.13 -14.20 1.71
CA TRP D 47 -10.11 -13.20 2.05
C TRP D 47 -9.44 -11.83 2.20
N MET D 48 -10.08 -10.80 1.63
CA MET D 48 -9.53 -9.46 1.62
C MET D 48 -10.28 -8.50 2.54
N GLY D 49 -11.61 -8.46 2.43
CA GLY D 49 -12.38 -7.56 3.27
C GLY D 49 -13.86 -7.77 3.06
N GLY D 50 -14.64 -6.96 3.77
CA GLY D 50 -16.09 -7.03 3.66
C GLY D 50 -16.71 -5.67 3.91
N ILE D 51 -17.97 -5.55 3.53
CA ILE D 51 -18.69 -4.29 3.65
C ILE D 51 -20.15 -4.56 4.01
N ASN D 52 -20.71 -3.66 4.81
CA ASN D 52 -22.14 -3.67 5.10
C ASN D 52 -22.83 -2.74 4.12
N PRO D 53 -23.75 -3.22 3.28
CA PRO D 53 -24.43 -2.32 2.34
C PRO D 53 -25.30 -1.28 3.00
N SER D 54 -25.75 -1.50 4.24
CA SER D 54 -26.70 -0.59 4.86
C SER D 54 -26.04 0.74 5.22
N ASN D 55 -24.80 0.71 5.73
CA ASN D 55 -24.12 1.92 6.17
C ASN D 55 -22.73 2.10 5.58
N GLY D 56 -22.21 1.14 4.83
CA GLY D 56 -20.90 1.29 4.23
C GLY D 56 -19.73 0.95 5.12
N GLY D 57 -19.99 0.49 6.34
CA GLY D 57 -18.89 0.07 7.21
C GLY D 57 -18.16 -1.14 6.66
N THR D 58 -16.90 -1.27 7.08
CA THR D 58 -16.01 -2.26 6.49
C THR D 58 -15.16 -2.93 7.56
N ASN D 59 -14.80 -4.19 7.29
CA ASN D 59 -13.73 -4.88 8.00
C ASN D 59 -12.72 -5.37 6.96
N PHE D 60 -11.48 -5.56 7.40
CA PHE D 60 -10.39 -5.83 6.48
C PHE D 60 -9.50 -6.96 6.98
N ASN D 61 -8.96 -7.72 6.04
CA ASN D 61 -7.72 -8.42 6.25
C ASN D 61 -6.61 -7.38 6.37
N GLU D 62 -5.84 -7.45 7.46
CA GLU D 62 -4.87 -6.38 7.74
C GLU D 62 -3.86 -6.23 6.61
N LYS D 63 -3.60 -7.28 5.85
CA LYS D 63 -2.68 -7.19 4.72
C LYS D 63 -3.16 -6.17 3.69
N PHE D 64 -4.47 -5.99 3.57
CA PHE D 64 -5.02 -5.18 2.49
C PHE D 64 -5.57 -3.83 2.93
N LYS D 65 -5.60 -3.55 4.24
CA LYS D 65 -5.85 -2.18 4.65
C LYS D 65 -4.70 -1.31 4.14
N ASN D 66 -5.04 -0.06 3.80
CA ASN D 66 -4.16 0.94 3.17
C ASN D 66 -4.14 0.81 1.64
N ARG D 67 -4.53 -0.36 1.11
CA ARG D 67 -4.53 -0.57 -0.33
C ARG D 67 -5.90 -0.85 -0.93
N VAL D 68 -6.88 -1.27 -0.14
CA VAL D 68 -8.19 -1.64 -0.64
C VAL D 68 -9.23 -0.63 -0.16
N THR D 69 -10.09 -0.18 -1.06
CA THR D 69 -11.23 0.67 -0.73
C THR D 69 -12.50 -0.04 -1.16
N LEU D 70 -13.39 -0.29 -0.20
CA LEU D 70 -14.64 -1.01 -0.44
C LEU D 70 -15.80 -0.02 -0.35
N THR D 71 -16.61 0.04 -1.41
CA THR D 71 -17.79 0.91 -1.43
C THR D 71 -18.96 0.16 -2.05
N THR D 72 -20.16 0.54 -1.64
CA THR D 72 -21.40 0.05 -2.22
C THR D 72 -22.20 1.22 -2.79
N ASP D 73 -23.21 0.87 -3.59
CA ASP D 73 -24.08 1.87 -4.21
C ASP D 73 -25.47 1.23 -4.28
N SER D 74 -26.22 1.34 -3.18
CA SER D 74 -27.52 0.67 -3.09
C SER D 74 -28.50 1.20 -4.14
N SER D 75 -28.28 2.44 -4.60
CA SER D 75 -29.03 2.98 -5.73
C SER D 75 -29.03 2.00 -6.89
N THR D 76 -27.85 1.59 -7.33
CA THR D 76 -27.69 0.59 -8.38
C THR D 76 -27.38 -0.80 -7.82
N THR D 77 -27.46 -0.97 -6.50
CA THR D 77 -27.32 -2.26 -5.80
C THR D 77 -26.07 -3.03 -6.23
N THR D 78 -24.96 -2.31 -6.43
CA THR D 78 -23.68 -2.93 -6.75
C THR D 78 -22.66 -2.64 -5.65
N ALA D 79 -21.70 -3.54 -5.50
CA ALA D 79 -20.60 -3.39 -4.56
C ALA D 79 -19.29 -3.29 -5.32
N TYR D 80 -18.37 -2.45 -4.83
CA TYR D 80 -17.13 -2.14 -5.51
C TYR D 80 -15.93 -2.49 -4.64
N MET D 81 -14.86 -2.95 -5.27
CA MET D 81 -13.57 -3.17 -4.63
C MET D 81 -12.52 -2.46 -5.46
N GLU D 82 -11.82 -1.50 -4.85
CA GLU D 82 -10.70 -0.81 -5.49
C GLU D 82 -9.41 -1.22 -4.79
N LEU D 83 -8.41 -1.57 -5.58
CA LEU D 83 -7.11 -2.01 -5.07
C LEU D 83 -6.03 -1.14 -5.68
N LYS D 84 -5.43 -0.27 -4.88
CA LYS D 84 -4.43 0.67 -5.35
C LYS D 84 -3.03 0.09 -5.25
N SER D 85 -2.10 0.70 -5.97
CA SER D 85 -0.69 0.30 -5.99
C SER D 85 -0.57 -1.21 -6.27
N LEU D 86 -0.91 -1.55 -7.52
CA LEU D 86 -0.99 -2.96 -7.90
C LEU D 86 0.40 -3.58 -8.00
N GLN D 87 0.53 -4.77 -7.41
CA GLN D 87 1.76 -5.55 -7.47
C GLN D 87 1.59 -6.72 -8.45
N PHE D 88 2.69 -7.41 -8.71
CA PHE D 88 2.65 -8.53 -9.63
C PHE D 88 1.84 -9.70 -9.06
N ASP D 89 2.04 -10.01 -7.78
CA ASP D 89 1.31 -11.11 -7.16
C ASP D 89 -0.12 -10.74 -6.79
N ASP D 90 -0.54 -9.49 -7.04
CA ASP D 90 -1.96 -9.16 -6.99
C ASP D 90 -2.72 -9.77 -8.15
N THR D 91 -2.04 -10.37 -9.11
CA THR D 91 -2.69 -11.09 -10.19
C THR D 91 -3.46 -12.28 -9.62
N ALA D 92 -4.77 -12.24 -9.79
CA ALA D 92 -5.67 -13.27 -9.27
C ALA D 92 -7.03 -13.08 -9.91
N VAL D 93 -7.93 -14.01 -9.62
CA VAL D 93 -9.34 -13.87 -9.95
C VAL D 93 -10.07 -13.44 -8.69
N TYR D 94 -10.75 -12.29 -8.75
CA TYR D 94 -11.35 -11.69 -7.58
C TYR D 94 -12.85 -12.01 -7.54
N TYR D 95 -13.32 -12.49 -6.39
CA TYR D 95 -14.71 -12.88 -6.22
C TYR D 95 -15.37 -11.99 -5.17
N CYS D 96 -16.66 -11.71 -5.39
CA CYS D 96 -17.51 -11.17 -4.36
C CYS D 96 -18.46 -12.27 -3.89
N ALA D 97 -18.62 -12.38 -2.57
CA ALA D 97 -19.48 -13.39 -1.97
C ALA D 97 -20.39 -12.73 -0.95
N ARG D 98 -21.63 -13.19 -0.90
CA ARG D 98 -22.63 -12.64 0.00
C ARG D 98 -22.73 -13.48 1.27
N ARG D 99 -23.17 -12.85 2.34
CA ARG D 99 -23.32 -13.52 3.63
C ARG D 99 -24.51 -12.90 4.35
N ASP D 100 -25.30 -13.76 5.01
CA ASP D 100 -26.51 -13.31 5.69
C ASP D 100 -26.17 -12.30 6.78
N TYR D 101 -26.75 -11.11 6.69
CA TYR D 101 -26.47 -10.05 7.65
C TYR D 101 -26.99 -10.37 9.05
N ARG D 102 -27.81 -11.40 9.20
CA ARG D 102 -28.32 -11.82 10.50
C ARG D 102 -27.39 -12.80 11.19
N PHE D 103 -26.85 -13.76 10.44
CA PHE D 103 -26.13 -14.89 11.02
C PHE D 103 -25.18 -15.43 9.96
N ASP D 104 -23.94 -15.71 10.37
CA ASP D 104 -22.98 -16.26 9.42
C ASP D 104 -23.35 -17.69 9.05
N MET D 105 -24.13 -17.85 7.99
CA MET D 105 -24.46 -19.17 7.45
C MET D 105 -23.65 -19.48 6.20
N GLY D 106 -22.43 -18.94 6.12
CA GLY D 106 -21.54 -19.20 5.01
C GLY D 106 -21.80 -18.29 3.82
N PHE D 107 -20.85 -18.32 2.88
CA PHE D 107 -20.98 -17.58 1.62
C PHE D 107 -21.80 -18.43 0.67
N ASP D 108 -23.13 -18.28 0.75
CA ASP D 108 -24.01 -19.12 -0.04
C ASP D 108 -23.90 -18.83 -1.53
N TYR D 109 -23.45 -17.64 -1.92
CA TYR D 109 -23.41 -17.28 -3.34
C TYR D 109 -22.20 -16.41 -3.63
N TRP D 110 -21.62 -16.61 -4.81
CA TRP D 110 -20.42 -15.92 -5.24
C TRP D 110 -20.64 -15.35 -6.64
N GLY D 111 -19.89 -14.31 -6.96
CA GLY D 111 -19.82 -13.86 -8.34
C GLY D 111 -19.01 -14.83 -9.17
N GLN D 112 -19.16 -14.69 -10.50
CA GLN D 112 -18.41 -15.57 -11.40
C GLN D 112 -16.92 -15.29 -11.38
N GLY D 113 -16.51 -14.09 -10.97
CA GLY D 113 -15.10 -13.77 -10.86
C GLY D 113 -14.63 -12.68 -11.81
N THR D 114 -13.61 -11.93 -11.40
CA THR D 114 -12.98 -10.92 -12.22
C THR D 114 -11.49 -11.21 -12.28
N THR D 115 -10.98 -11.49 -13.47
CA THR D 115 -9.56 -11.77 -13.65
C THR D 115 -8.80 -10.46 -13.75
N VAL D 116 -7.93 -10.19 -12.77
CA VAL D 116 -7.04 -9.04 -12.79
C VAL D 116 -5.63 -9.55 -13.03
N THR D 117 -4.99 -9.04 -14.07
CA THR D 117 -3.63 -9.40 -14.42
C THR D 117 -2.75 -8.15 -14.34
N VAL D 118 -1.64 -8.25 -13.61
CA VAL D 118 -0.72 -7.13 -13.43
C VAL D 118 0.61 -7.48 -14.10
N SER D 119 1.07 -6.61 -14.99
CA SER D 119 2.30 -6.85 -15.72
C SER D 119 2.77 -5.54 -16.33
N SER D 120 4.09 -5.44 -16.56
CA SER D 120 4.65 -4.34 -17.33
C SER D 120 4.59 -4.58 -18.82
N ALA D 121 4.25 -5.80 -19.25
CA ALA D 121 4.13 -6.09 -20.66
C ALA D 121 3.00 -5.29 -21.28
N SER D 122 2.97 -5.30 -22.61
CA SER D 122 1.87 -4.77 -23.39
C SER D 122 1.50 -5.80 -24.45
N THR D 123 0.23 -5.79 -24.84
CA THR D 123 -0.36 -6.85 -25.66
C THR D 123 0.50 -7.21 -26.86
N LYS D 124 1.13 -8.39 -26.81
CA LYS D 124 2.01 -8.87 -27.86
C LYS D 124 1.53 -10.22 -28.34
N GLY D 125 1.44 -10.39 -29.66
CA GLY D 125 1.10 -11.66 -30.23
C GLY D 125 2.20 -12.67 -30.01
N PRO D 126 1.87 -13.96 -30.16
CA PRO D 126 2.85 -15.01 -29.92
C PRO D 126 3.68 -15.34 -31.16
N SER D 127 4.87 -15.87 -30.90
CA SER D 127 5.69 -16.49 -31.92
C SER D 127 5.51 -18.01 -31.80
N VAL D 128 4.96 -18.61 -32.83
CA VAL D 128 4.71 -20.05 -32.83
C VAL D 128 5.94 -20.76 -33.38
N PHE D 129 6.33 -21.87 -32.74
CA PHE D 129 7.51 -22.61 -33.12
C PHE D 129 7.14 -24.10 -33.26
N PRO D 130 7.59 -24.75 -34.32
CA PRO D 130 7.37 -26.21 -34.43
C PRO D 130 8.11 -26.95 -33.34
N LEU D 131 7.50 -28.05 -32.89
CA LEU D 131 8.11 -28.94 -31.92
C LEU D 131 8.20 -30.32 -32.58
N ALA D 132 9.33 -30.59 -33.22
CA ALA D 132 9.51 -31.80 -33.99
C ALA D 132 10.76 -32.54 -33.55
N PRO D 133 10.72 -33.89 -33.49
CA PRO D 133 11.86 -34.74 -33.11
C PRO D 133 13.15 -34.45 -33.89
N LEU D 145 4.92 -34.92 -31.91
CA LEU D 145 5.06 -33.60 -32.52
C LEU D 145 4.11 -32.60 -31.87
N GLY D 146 4.46 -31.32 -31.94
CA GLY D 146 3.61 -30.31 -31.34
C GLY D 146 3.96 -28.92 -31.83
N CYS D 147 3.24 -27.94 -31.28
CA CYS D 147 3.50 -26.53 -31.50
C CYS D 147 3.86 -25.88 -30.18
N LEU D 148 4.75 -24.88 -30.25
CA LEU D 148 5.16 -24.10 -29.09
C LEU D 148 4.77 -22.65 -29.32
N VAL D 149 3.84 -22.16 -28.52
CA VAL D 149 3.30 -20.82 -28.64
C VAL D 149 3.93 -19.98 -27.53
N LYS D 150 4.79 -19.05 -27.90
CA LYS D 150 5.76 -18.45 -26.99
C LYS D 150 5.65 -16.92 -27.00
N ASP D 151 5.83 -16.32 -25.82
CA ASP D 151 6.01 -14.88 -25.66
C ASP D 151 4.80 -14.09 -26.18
N TYR D 152 3.65 -14.35 -25.56
CA TYR D 152 2.43 -13.62 -25.88
C TYR D 152 1.82 -13.05 -24.60
N PHE D 153 1.09 -11.95 -24.78
CA PHE D 153 0.40 -11.30 -23.67
C PHE D 153 -0.80 -10.53 -24.20
N PRO D 154 -1.93 -10.58 -23.48
CA PRO D 154 -2.12 -11.47 -22.33
C PRO D 154 -2.90 -12.72 -22.70
N GLU D 155 -3.39 -13.43 -21.68
CA GLU D 155 -4.27 -14.57 -21.89
C GLU D 155 -5.58 -14.10 -22.54
N PRO D 156 -6.29 -14.99 -23.25
CA PRO D 156 -5.93 -16.38 -23.53
C PRO D 156 -5.55 -16.65 -24.98
N VAL D 157 -5.19 -17.90 -25.26
CA VAL D 157 -4.83 -18.36 -26.60
C VAL D 157 -5.58 -19.66 -26.87
N THR D 158 -6.06 -19.83 -28.10
CA THR D 158 -6.70 -21.06 -28.54
C THR D 158 -5.83 -21.74 -29.57
N VAL D 159 -5.65 -23.05 -29.43
CA VAL D 159 -4.87 -23.85 -30.36
C VAL D 159 -5.78 -24.90 -30.98
N SER D 160 -5.77 -24.99 -32.31
CA SER D 160 -6.46 -26.04 -33.03
C SER D 160 -5.49 -26.66 -34.02
N TRP D 161 -5.69 -27.95 -34.31
CA TRP D 161 -4.82 -28.70 -35.21
C TRP D 161 -5.61 -29.10 -36.44
N ASN D 162 -5.05 -28.79 -37.62
CA ASN D 162 -5.68 -29.09 -38.91
C ASN D 162 -7.09 -28.51 -39.02
N SER D 163 -7.32 -27.39 -38.34
CA SER D 163 -8.58 -26.65 -38.40
C SER D 163 -9.76 -27.50 -37.90
N GLY D 164 -9.51 -28.37 -36.94
CA GLY D 164 -10.55 -29.19 -36.35
C GLY D 164 -10.68 -30.59 -36.91
N ALA D 165 -9.87 -30.95 -37.90
CA ALA D 165 -9.92 -32.32 -38.43
C ALA D 165 -9.40 -33.33 -37.42
N LEU D 166 -8.46 -32.92 -36.57
CA LEU D 166 -7.80 -33.81 -35.61
C LEU D 166 -7.95 -33.24 -34.21
N THR D 167 -8.58 -34.00 -33.31
CA THR D 167 -8.75 -33.58 -31.93
C THR D 167 -8.51 -34.68 -30.92
N SER D 168 -8.16 -35.89 -31.35
CA SER D 168 -7.88 -36.97 -30.42
C SER D 168 -6.42 -36.96 -30.02
N GLY D 169 -6.16 -37.26 -28.75
CA GLY D 169 -4.79 -37.27 -28.25
C GLY D 169 -4.10 -35.93 -28.35
N VAL D 170 -4.86 -34.83 -28.31
CA VAL D 170 -4.29 -33.48 -28.33
C VAL D 170 -4.27 -32.94 -26.91
N HIS D 171 -3.10 -32.50 -26.47
CA HIS D 171 -2.92 -31.90 -25.14
C HIS D 171 -2.26 -30.55 -25.33
N THR D 172 -2.91 -29.49 -24.84
CA THR D 172 -2.51 -28.12 -25.12
C THR D 172 -1.90 -27.40 -23.92
N PHE D 173 -2.19 -27.85 -22.69
CA PHE D 173 -1.51 -27.41 -21.46
C PHE D 173 -1.87 -26.00 -21.04
N PRO D 174 -1.91 -25.73 -19.74
CA PRO D 174 -2.05 -24.35 -19.28
C PRO D 174 -0.80 -23.54 -19.60
N ALA D 175 -0.99 -22.24 -19.79
CA ALA D 175 0.11 -21.35 -20.14
C ALA D 175 1.06 -21.20 -18.97
N VAL D 176 2.25 -20.67 -19.26
CA VAL D 176 3.30 -20.45 -18.27
C VAL D 176 3.69 -18.98 -18.31
N LEU D 177 3.72 -18.34 -17.14
CA LEU D 177 4.12 -16.94 -17.03
C LEU D 177 5.64 -16.91 -16.81
N GLN D 178 6.37 -16.42 -17.81
CA GLN D 178 7.81 -16.36 -17.73
C GLN D 178 8.27 -15.12 -16.96
N SER D 179 9.58 -15.01 -16.77
CA SER D 179 10.11 -13.84 -16.07
C SER D 179 9.93 -12.56 -16.87
N SER D 180 9.83 -12.68 -18.20
CA SER D 180 9.67 -11.51 -19.06
C SER D 180 8.27 -10.93 -19.02
N GLY D 181 7.37 -11.44 -18.18
CA GLY D 181 6.00 -10.98 -18.16
C GLY D 181 5.15 -11.48 -19.31
N LEU D 182 5.65 -12.43 -20.09
CA LEU D 182 4.93 -13.00 -21.22
C LEU D 182 4.56 -14.45 -20.93
N TYR D 183 3.62 -14.97 -21.70
CA TYR D 183 3.14 -16.33 -21.53
C TYR D 183 3.76 -17.26 -22.56
N SER D 184 3.65 -18.57 -22.29
CA SER D 184 4.21 -19.59 -23.17
C SER D 184 3.52 -20.91 -22.86
N LEU D 185 2.85 -21.49 -23.86
CA LEU D 185 2.23 -22.80 -23.70
C LEU D 185 2.64 -23.69 -24.87
N SER D 186 2.50 -25.00 -24.66
CA SER D 186 2.89 -25.99 -25.65
C SER D 186 1.73 -26.94 -25.90
N SER D 187 1.35 -27.09 -27.16
CA SER D 187 0.28 -28.01 -27.55
C SER D 187 0.87 -29.11 -28.43
N VAL D 188 0.58 -30.36 -28.07
CA VAL D 188 1.17 -31.52 -28.75
C VAL D 188 0.07 -32.51 -29.08
N VAL D 189 0.41 -33.47 -29.95
CA VAL D 189 -0.48 -34.55 -30.33
C VAL D 189 0.30 -35.86 -30.38
N THR D 190 -0.42 -36.97 -30.23
CA THR D 190 0.11 -38.31 -30.43
C THR D 190 -0.66 -38.96 -31.57
N VAL D 191 0.04 -39.28 -32.65
CA VAL D 191 -0.60 -39.81 -33.84
C VAL D 191 0.18 -41.00 -34.40
N THR D 202 -0.60 -29.70 -38.80
CA THR D 202 -0.44 -28.26 -38.62
C THR D 202 -1.33 -27.77 -37.48
N CYS D 203 -0.81 -26.82 -36.69
CA CYS D 203 -1.57 -26.21 -35.61
C CYS D 203 -2.03 -24.82 -36.02
N ASN D 204 -3.23 -24.46 -35.56
CA ASN D 204 -3.79 -23.13 -35.77
C ASN D 204 -3.93 -22.44 -34.42
N VAL D 205 -3.37 -21.24 -34.30
CA VAL D 205 -3.31 -20.50 -33.05
C VAL D 205 -4.05 -19.19 -33.21
N ASP D 206 -4.86 -18.85 -32.20
CA ASP D 206 -5.67 -17.63 -32.23
C ASP D 206 -5.50 -16.89 -30.91
N HIS D 207 -4.78 -15.77 -30.96
CA HIS D 207 -4.61 -14.88 -29.81
C HIS D 207 -5.48 -13.65 -30.08
N LYS D 208 -6.72 -13.72 -29.63
CA LYS D 208 -7.69 -12.65 -29.91
C LYS D 208 -7.25 -11.27 -29.40
N PRO D 209 -6.73 -11.11 -28.18
CA PRO D 209 -6.37 -9.76 -27.71
C PRO D 209 -5.45 -8.99 -28.65
N SER D 210 -4.58 -9.68 -29.39
CA SER D 210 -3.70 -9.05 -30.35
C SER D 210 -4.20 -9.15 -31.78
N ASN D 211 -5.33 -9.84 -32.00
CA ASN D 211 -5.90 -10.02 -33.33
C ASN D 211 -4.95 -10.76 -34.27
N THR D 212 -4.18 -11.70 -33.72
CA THR D 212 -3.16 -12.44 -34.46
C THR D 212 -3.58 -13.88 -34.59
N LYS D 213 -3.71 -14.34 -35.84
CA LYS D 213 -3.95 -15.75 -36.16
C LYS D 213 -2.77 -16.26 -36.97
N VAL D 214 -2.28 -17.45 -36.61
CA VAL D 214 -1.07 -18.01 -37.19
C VAL D 214 -1.21 -19.52 -37.32
N ASP D 215 -0.84 -20.05 -38.49
CA ASP D 215 -0.75 -21.47 -38.71
C ASP D 215 0.70 -21.83 -39.04
N LYS D 216 1.12 -23.02 -38.62
CA LYS D 216 2.53 -23.40 -38.66
C LYS D 216 2.63 -24.89 -38.91
N ARG D 217 3.04 -25.27 -40.11
CA ARG D 217 3.19 -26.68 -40.44
C ARG D 217 4.45 -27.24 -39.79
N VAL D 218 4.48 -28.56 -39.66
CA VAL D 218 5.62 -29.26 -39.07
C VAL D 218 6.03 -30.43 -39.96
N GLU E 1 -6.19 9.76 17.64
CA GLU E 1 -5.41 10.48 16.66
C GLU E 1 -5.56 12.00 16.84
N ILE E 2 -4.49 12.73 16.57
CA ILE E 2 -4.46 14.18 16.72
C ILE E 2 -3.93 14.82 15.45
N VAL E 3 -4.62 15.85 14.97
CA VAL E 3 -4.18 16.66 13.85
C VAL E 3 -3.96 18.08 14.33
N LEU E 4 -2.91 18.72 13.81
CA LEU E 4 -2.61 20.12 14.10
C LEU E 4 -2.80 20.93 12.82
N THR E 5 -3.52 22.04 12.93
CA THR E 5 -3.77 22.93 11.79
C THR E 5 -3.18 24.29 12.10
N GLN E 6 -2.09 24.64 11.42
CA GLN E 6 -1.44 25.93 11.65
C GLN E 6 -2.18 27.03 10.92
N SER E 7 -2.55 28.08 11.64
CA SER E 7 -3.21 29.22 11.01
C SER E 7 -2.37 30.50 11.09
N PRO E 8 -2.29 31.24 9.98
CA PRO E 8 -2.72 30.64 8.72
C PRO E 8 -1.60 30.42 7.71
N ALA E 9 -1.98 29.94 6.52
CA ALA E 9 -1.05 29.26 5.63
C ALA E 9 0.18 30.11 5.30
N THR E 10 0.00 31.41 5.08
CA THR E 10 1.10 32.24 4.63
C THR E 10 1.00 33.63 5.26
N LEU E 11 2.14 34.16 5.69
CA LEU E 11 2.24 35.54 6.13
C LEU E 11 3.47 36.16 5.48
N SER E 12 3.60 37.48 5.63
CA SER E 12 4.61 38.22 4.86
C SER E 12 4.81 39.59 5.48
N LEU E 13 6.02 39.85 5.99
CA LEU E 13 6.32 41.11 6.64
C LEU E 13 7.78 41.48 6.37
N SER E 14 8.12 42.75 6.66
CA SER E 14 9.44 43.32 6.43
C SER E 14 10.38 42.96 7.59
N PRO E 15 11.70 42.83 7.32
CA PRO E 15 12.64 42.37 8.36
C PRO E 15 12.67 43.21 9.62
N GLY E 16 11.56 43.24 10.37
CA GLY E 16 11.51 43.97 11.62
C GLY E 16 10.25 43.75 12.41
N GLU E 17 9.12 43.64 11.71
CA GLU E 17 7.82 43.56 12.36
C GLU E 17 7.66 42.23 13.10
N ARG E 18 6.71 42.20 14.03
CA ARG E 18 6.49 41.02 14.85
C ARG E 18 5.84 39.91 14.04
N ALA E 19 6.42 38.71 14.09
CA ALA E 19 5.86 37.54 13.44
C ALA E 19 5.19 36.66 14.48
N THR E 20 3.92 36.33 14.26
CA THR E 20 3.14 35.50 15.15
C THR E 20 2.51 34.37 14.35
N LEU E 21 2.94 33.14 14.63
CA LEU E 21 2.38 31.94 14.03
C LEU E 21 1.47 31.25 15.03
N SER E 22 0.51 30.49 14.52
CA SER E 22 -0.41 29.74 15.35
C SER E 22 -0.35 28.26 15.00
N CYS E 23 -0.48 27.42 16.02
CA CYS E 23 -0.66 25.99 15.88
C CYS E 23 -1.88 25.58 16.69
N ARG E 24 -2.78 24.82 16.06
CA ARG E 24 -4.16 24.68 16.50
C ARG E 24 -4.53 23.20 16.44
N ALA E 25 -4.45 22.51 17.59
CA ALA E 25 -4.56 21.06 17.61
C ALA E 25 -6.01 20.58 17.59
N SER E 26 -6.21 19.37 17.08
CA SER E 26 -7.55 18.77 17.10
C SER E 26 -7.95 18.37 18.51
N LYS E 27 -7.01 17.88 19.31
CA LYS E 27 -7.29 17.41 20.66
C LYS E 27 -6.19 17.91 21.60
N GLY E 28 -6.30 17.53 22.86
CA GLY E 28 -5.40 18.05 23.88
C GLY E 28 -4.02 17.42 23.81
N VAL E 29 -2.99 18.23 23.65
CA VAL E 29 -1.63 17.74 23.62
C VAL E 29 -0.87 18.14 24.89
N SER E 30 -1.58 18.58 25.93
CA SER E 30 -0.97 18.98 27.18
C SER E 30 -1.42 18.04 28.29
N THR E 31 -0.47 17.58 29.10
CA THR E 31 -0.74 16.69 30.21
C THR E 31 0.32 16.86 31.28
N SER E 32 -0.12 16.91 32.54
CA SER E 32 0.77 17.01 33.70
C SER E 32 1.77 18.16 33.56
N GLY E 33 1.25 19.32 33.16
CA GLY E 33 2.07 20.50 33.05
C GLY E 33 3.08 20.47 31.92
N TYR E 34 2.88 19.60 30.92
CA TYR E 34 3.76 19.53 29.77
C TYR E 34 2.95 19.45 28.50
N SER E 35 3.29 20.26 27.52
CA SER E 35 2.64 20.27 26.21
C SER E 35 3.59 19.68 25.19
N TYR E 36 3.21 18.53 24.62
CA TYR E 36 4.05 17.85 23.63
C TYR E 36 3.88 18.55 22.28
N LEU E 37 4.44 19.76 22.22
CA LEU E 37 4.30 20.61 21.04
C LEU E 37 5.65 21.27 20.76
N HIS E 38 6.21 20.99 19.59
CA HIS E 38 7.50 21.53 19.19
C HIS E 38 7.36 22.27 17.86
N TRP E 39 8.29 23.19 17.61
CA TRP E 39 8.31 23.97 16.39
C TRP E 39 9.63 23.79 15.66
N TYR E 40 9.56 23.61 14.35
CA TYR E 40 10.75 23.48 13.51
C TYR E 40 10.72 24.54 12.42
N GLN E 41 11.91 24.92 11.96
CA GLN E 41 12.09 25.85 10.84
C GLN E 41 12.76 25.12 9.70
N GLN E 42 12.14 25.15 8.52
CA GLN E 42 12.70 24.50 7.35
C GLN E 42 12.84 25.52 6.22
N LYS E 43 14.06 25.76 5.80
CA LYS E 43 14.34 26.51 4.60
C LYS E 43 14.45 25.56 3.41
N PRO E 44 14.05 26.02 2.23
CA PRO E 44 13.93 25.10 1.08
C PRO E 44 15.17 24.24 0.85
N GLY E 45 14.94 22.94 0.66
CA GLY E 45 16.01 22.03 0.31
C GLY E 45 16.91 21.59 1.43
N GLN E 46 16.47 21.73 2.68
CA GLN E 46 17.26 21.30 3.84
C GLN E 46 16.37 20.66 4.89
N ALA E 47 17.00 19.92 5.79
CA ALA E 47 16.30 19.26 6.88
C ALA E 47 15.70 20.30 7.84
N PRO E 48 14.59 19.96 8.51
CA PRO E 48 14.03 20.86 9.50
C PRO E 48 15.00 21.14 10.65
N ARG E 49 14.72 22.21 11.39
CA ARG E 49 15.56 22.65 12.50
C ARG E 49 14.67 23.04 13.65
N LEU E 50 14.82 22.37 14.79
CA LEU E 50 13.96 22.59 15.94
C LEU E 50 14.33 23.87 16.67
N LEU E 51 13.32 24.69 16.95
CA LEU E 51 13.51 25.95 17.66
C LEU E 51 12.93 25.91 19.07
N ILE E 52 11.63 25.62 19.19
CA ILE E 52 10.95 25.55 20.48
C ILE E 52 10.50 24.12 20.69
N TYR E 53 10.77 23.58 21.89
CA TYR E 53 10.29 22.25 22.25
C TYR E 53 9.49 22.33 23.53
N LEU E 54 8.53 21.41 23.66
CA LEU E 54 7.62 21.36 24.81
C LEU E 54 6.92 22.71 25.01
N ALA E 55 6.39 23.24 23.90
CA ALA E 55 5.57 24.45 23.87
C ALA E 55 6.35 25.71 24.22
N SER E 56 7.03 25.73 25.36
CA SER E 56 7.67 26.94 25.86
C SER E 56 9.19 26.91 25.77
N TYR E 57 9.82 25.76 25.94
CA TYR E 57 11.27 25.69 26.08
C TYR E 57 11.97 25.94 24.74
N LEU E 58 13.06 26.69 24.79
CA LEU E 58 13.83 27.03 23.60
C LEU E 58 15.04 26.10 23.48
N GLU E 59 15.26 25.61 22.26
CA GLU E 59 16.38 24.73 21.96
C GLU E 59 17.70 25.52 21.96
N SER E 60 18.73 24.91 22.54
CA SER E 60 20.03 25.57 22.65
C SER E 60 20.50 26.08 21.28
N GLY E 61 21.27 27.16 21.32
CA GLY E 61 21.79 27.78 20.11
C GLY E 61 20.80 28.60 19.32
N VAL E 62 19.50 28.46 19.57
CA VAL E 62 18.50 29.22 18.82
C VAL E 62 18.39 30.62 19.44
N PRO E 63 18.36 31.67 18.62
CA PRO E 63 18.24 33.02 19.19
C PRO E 63 16.97 33.19 20.01
N ALA E 64 17.05 34.03 21.05
CA ALA E 64 15.90 34.35 21.87
C ALA E 64 14.82 35.11 21.12
N ARG E 65 15.13 35.55 19.90
CA ARG E 65 14.13 36.17 19.02
C ARG E 65 12.88 35.33 18.88
N PHE E 66 13.03 34.00 18.92
CA PHE E 66 11.89 33.09 18.87
C PHE E 66 11.39 32.82 20.28
N SER E 67 10.07 32.62 20.40
CA SER E 67 9.46 32.30 21.67
C SER E 67 8.22 31.45 21.43
N GLY E 68 8.02 30.46 22.30
CA GLY E 68 6.85 29.62 22.24
C GLY E 68 5.99 29.82 23.48
N SER E 69 4.69 29.66 23.31
CA SER E 69 3.75 29.92 24.40
C SER E 69 2.48 29.12 24.13
N GLY E 70 1.45 29.41 24.91
CA GLY E 70 0.21 28.68 24.85
C GLY E 70 0.31 27.32 25.52
N SER E 71 -0.85 26.74 25.80
CA SER E 71 -0.92 25.53 26.61
C SER E 71 -2.25 24.84 26.34
N GLY E 72 -2.58 23.86 27.18
CA GLY E 72 -3.82 23.12 27.06
C GLY E 72 -3.97 22.51 25.70
N THR E 73 -4.16 23.35 24.68
CA THR E 73 -4.17 22.87 23.31
C THR E 73 -3.93 24.04 22.36
N ASP E 74 -3.89 25.27 22.88
CA ASP E 74 -3.58 26.40 22.01
C ASP E 74 -2.14 26.84 22.20
N PHE E 75 -1.46 27.06 21.08
CA PHE E 75 -0.03 27.38 21.07
C PHE E 75 0.23 28.44 20.02
N THR E 76 1.32 29.17 20.19
CA THR E 76 1.68 30.25 19.30
C THR E 76 3.18 30.39 19.30
N LEU E 77 3.77 30.37 18.11
CA LEU E 77 5.18 30.67 17.94
C LEU E 77 5.30 32.15 17.61
N THR E 78 6.14 32.86 18.36
CA THR E 78 6.27 34.30 18.25
C THR E 78 7.70 34.66 17.88
N ILE E 79 7.84 35.43 16.80
CA ILE E 79 9.12 35.99 16.38
C ILE E 79 8.96 37.51 16.38
N SER E 80 9.87 38.21 17.04
CA SER E 80 9.72 39.64 17.25
C SER E 80 10.42 40.47 16.17
N SER E 81 11.75 40.43 16.15
CA SER E 81 12.55 41.17 15.19
C SER E 81 13.22 40.18 14.25
N LEU E 82 12.79 40.17 12.99
CA LEU E 82 13.28 39.21 12.01
C LEU E 82 14.59 39.66 11.39
N GLU E 83 15.29 38.70 10.80
CA GLU E 83 16.46 38.92 9.97
C GLU E 83 16.20 38.26 8.62
N PRO E 84 17.01 38.53 7.59
CA PRO E 84 16.75 37.90 6.28
C PRO E 84 16.70 36.37 6.32
N GLU E 85 17.42 35.73 7.23
CA GLU E 85 17.42 34.27 7.27
C GLU E 85 16.06 33.71 7.68
N ASP E 86 15.26 34.49 8.41
CA ASP E 86 14.12 33.95 9.12
C ASP E 86 12.96 33.57 8.20
N PHE E 87 12.93 34.06 6.98
CA PHE E 87 11.82 33.78 6.08
C PHE E 87 11.95 32.34 5.55
N ALA E 88 10.99 31.50 5.94
CA ALA E 88 10.96 30.10 5.55
C ALA E 88 9.65 29.47 5.97
N VAL E 89 9.60 28.15 6.05
CA VAL E 89 8.43 27.45 6.56
C VAL E 89 8.68 27.10 8.03
N TYR E 90 7.61 27.06 8.81
CA TYR E 90 7.67 26.65 10.20
C TYR E 90 6.57 25.65 10.48
N TYR E 91 6.95 24.48 11.00
CA TYR E 91 6.00 23.43 11.33
C TYR E 91 5.88 23.28 12.83
N CYS E 92 4.71 22.84 13.27
CA CYS E 92 4.52 22.36 14.63
C CYS E 92 4.22 20.86 14.59
N GLN E 93 4.63 20.15 15.64
CA GLN E 93 4.46 18.71 15.72
C GLN E 93 4.07 18.34 17.14
N HIS E 94 3.20 17.35 17.27
CA HIS E 94 2.74 16.87 18.56
C HIS E 94 3.32 15.50 18.86
N SER E 95 3.57 15.25 20.14
CA SER E 95 4.01 13.94 20.63
C SER E 95 3.06 13.41 21.70
N ARG E 96 1.87 14.00 21.81
CA ARG E 96 0.91 13.61 22.83
C ARG E 96 0.52 12.15 22.71
N ASP E 97 0.45 11.62 21.49
CA ASP E 97 0.09 10.23 21.28
C ASP E 97 0.61 9.79 19.91
N LEU E 98 0.27 8.56 19.54
CA LEU E 98 0.65 8.03 18.23
C LEU E 98 -0.56 8.03 17.30
N PRO E 99 -0.35 8.34 16.02
CA PRO E 99 0.96 8.66 15.42
C PRO E 99 1.36 10.12 15.61
N LEU E 100 2.66 10.39 15.55
CA LEU E 100 3.14 11.77 15.55
C LEU E 100 2.74 12.44 14.25
N THR E 101 2.21 13.66 14.36
CA THR E 101 1.76 14.40 13.19
C THR E 101 2.37 15.80 13.21
N PHE E 102 2.37 16.43 12.03
CA PHE E 102 2.89 17.77 11.85
C PHE E 102 1.78 18.67 11.32
N GLY E 103 1.88 19.96 11.61
CA GLY E 103 1.05 20.93 10.93
C GLY E 103 1.43 21.06 9.48
N GLY E 104 0.52 21.64 8.69
CA GLY E 104 0.81 21.90 7.30
C GLY E 104 1.91 22.91 7.08
N GLY E 105 2.36 23.56 8.13
CA GLY E 105 3.39 24.57 8.01
C GLY E 105 2.82 25.94 7.75
N THR E 106 3.57 26.96 8.14
CA THR E 106 3.24 28.34 7.85
C THR E 106 4.44 28.98 7.18
N LYS E 107 4.24 29.46 5.95
CA LYS E 107 5.29 30.11 5.18
C LYS E 107 5.27 31.61 5.44
N VAL E 108 6.38 32.16 5.90
CA VAL E 108 6.52 33.60 6.09
C VAL E 108 7.37 34.14 4.94
N GLU E 109 6.87 35.20 4.32
CA GLU E 109 7.34 35.75 3.05
C GLU E 109 7.73 37.22 3.28
N ILE E 110 8.29 37.86 2.26
CA ILE E 110 8.63 39.28 2.33
C ILE E 110 7.58 40.07 1.55
N LYS E 111 6.84 40.92 2.26
CA LYS E 111 5.82 41.74 1.63
C LYS E 111 6.46 42.97 1.00
N ARG E 112 6.21 43.16 -0.29
CA ARG E 112 6.69 44.31 -1.02
C ARG E 112 5.50 45.08 -1.58
N THR E 113 5.74 46.32 -1.98
CA THR E 113 4.74 47.04 -2.76
C THR E 113 4.43 46.24 -4.02
N VAL E 114 3.16 46.18 -4.39
CA VAL E 114 2.73 45.29 -5.46
C VAL E 114 3.50 45.60 -6.74
N ALA E 115 4.06 44.55 -7.35
CA ALA E 115 4.81 44.67 -8.59
C ALA E 115 4.06 43.96 -9.70
N ALA E 116 4.10 44.55 -10.88
CA ALA E 116 3.40 43.93 -11.99
C ALA E 116 4.35 43.05 -12.80
N PRO E 117 3.87 41.91 -13.28
CA PRO E 117 4.73 41.02 -14.06
C PRO E 117 4.94 41.51 -15.48
N SER E 118 6.14 41.24 -15.99
CA SER E 118 6.43 41.37 -17.42
C SER E 118 6.08 40.05 -18.08
N VAL E 119 5.13 40.08 -19.01
CA VAL E 119 4.58 38.87 -19.62
C VAL E 119 5.26 38.65 -20.97
N PHE E 120 5.60 37.39 -21.25
CA PHE E 120 6.18 37.00 -22.52
C PHE E 120 5.55 35.69 -22.98
N ILE E 121 5.36 35.57 -24.28
CA ILE E 121 4.76 34.37 -24.89
C ILE E 121 5.79 33.76 -25.84
N PHE E 122 5.81 32.43 -25.91
CA PHE E 122 6.79 31.71 -26.71
C PHE E 122 6.09 30.69 -27.60
N PRO E 123 6.29 30.74 -28.91
CA PRO E 123 5.69 29.74 -29.79
C PRO E 123 6.54 28.50 -29.86
N PRO E 124 6.00 27.37 -30.31
CA PRO E 124 6.80 26.17 -30.47
C PRO E 124 7.87 26.36 -31.54
N SER E 125 8.98 25.66 -31.36
CA SER E 125 10.15 25.80 -32.22
C SER E 125 10.14 24.71 -33.29
N ASP E 126 10.31 25.12 -34.55
CA ASP E 126 10.33 24.23 -35.72
C ASP E 126 10.98 22.89 -35.40
N GLU E 127 12.01 22.91 -34.57
CA GLU E 127 12.65 21.69 -34.12
C GLU E 127 11.68 20.77 -33.39
N GLN E 128 10.82 21.34 -32.53
CA GLN E 128 9.97 20.50 -31.69
C GLN E 128 8.74 19.99 -32.41
N LEU E 129 8.19 20.75 -33.37
CA LEU E 129 6.88 20.39 -33.90
C LEU E 129 6.94 19.15 -34.78
N LYS E 130 8.00 19.02 -35.59
CA LYS E 130 8.14 17.82 -36.40
C LYS E 130 8.48 16.60 -35.56
N SER E 131 8.85 16.79 -34.29
CA SER E 131 8.87 15.68 -33.35
C SER E 131 7.47 15.26 -32.96
N GLY E 132 6.47 16.10 -33.20
CA GLY E 132 5.08 15.73 -33.05
C GLY E 132 4.32 16.37 -31.91
N THR E 133 4.92 17.31 -31.18
CA THR E 133 4.27 17.93 -30.04
C THR E 133 4.56 19.42 -30.04
N ALA E 134 3.58 20.20 -29.60
CA ALA E 134 3.68 21.66 -29.56
C ALA E 134 3.63 22.11 -28.11
N SER E 135 4.68 22.78 -27.65
CA SER E 135 4.76 23.32 -26.30
C SER E 135 4.79 24.84 -26.39
N VAL E 136 3.83 25.49 -25.75
CA VAL E 136 3.72 26.95 -25.71
C VAL E 136 3.98 27.41 -24.29
N VAL E 137 4.90 28.35 -24.13
CA VAL E 137 5.35 28.80 -22.82
C VAL E 137 4.94 30.26 -22.63
N CYS E 138 4.28 30.54 -21.51
CA CYS E 138 4.00 31.90 -21.08
C CYS E 138 4.81 32.18 -19.82
N LEU E 139 5.51 33.31 -19.81
CA LEU E 139 6.43 33.65 -18.74
C LEU E 139 5.96 34.91 -18.03
N LEU E 140 5.87 34.82 -16.70
CA LEU E 140 5.60 35.97 -15.85
C LEU E 140 6.85 36.24 -15.03
N ASN E 141 7.36 37.47 -15.11
CA ASN E 141 8.63 37.82 -14.49
C ASN E 141 8.42 38.96 -13.50
N ASN E 142 8.87 38.75 -12.27
CA ASN E 142 8.91 39.77 -11.23
C ASN E 142 7.54 40.34 -10.88
N PHE E 143 6.77 39.61 -10.06
CA PHE E 143 5.40 40.01 -9.73
C PHE E 143 5.03 39.61 -8.31
N TYR E 144 4.40 40.54 -7.59
CA TYR E 144 3.85 40.29 -6.26
C TYR E 144 2.45 40.91 -6.23
N PRO E 145 1.49 40.26 -5.56
CA PRO E 145 1.51 38.99 -4.83
C PRO E 145 1.60 37.78 -5.75
N ARG E 146 1.75 36.57 -5.20
CA ARG E 146 2.00 35.43 -6.07
C ARG E 146 0.76 35.05 -6.86
N GLU E 147 -0.42 35.17 -6.25
CA GLU E 147 -1.66 34.79 -6.92
C GLU E 147 -1.74 35.46 -8.28
N ALA E 148 -1.67 34.63 -9.32
CA ALA E 148 -1.80 35.08 -10.69
C ALA E 148 -2.66 34.08 -11.43
N LYS E 149 -3.78 34.55 -11.97
CA LYS E 149 -4.64 33.71 -12.80
C LYS E 149 -4.07 33.70 -14.21
N VAL E 150 -3.35 32.64 -14.55
CA VAL E 150 -2.80 32.46 -15.88
C VAL E 150 -3.76 31.58 -16.66
N GLN E 151 -4.41 32.15 -17.67
CA GLN E 151 -5.36 31.42 -18.50
C GLN E 151 -4.79 31.28 -19.91
N TRP E 152 -4.77 30.04 -20.40
CA TRP E 152 -4.41 29.77 -21.78
C TRP E 152 -5.67 29.84 -22.65
N LYS E 153 -5.46 30.23 -23.91
CA LYS E 153 -6.61 30.66 -24.71
C LYS E 153 -6.29 30.50 -26.19
N VAL E 154 -7.02 29.63 -26.86
CA VAL E 154 -6.71 29.22 -28.23
C VAL E 154 -7.95 29.49 -29.08
N ASP E 155 -7.90 30.55 -29.89
CA ASP E 155 -8.92 30.86 -30.90
C ASP E 155 -10.30 31.04 -30.28
N ASN E 156 -10.34 31.71 -29.13
CA ASN E 156 -11.59 32.12 -28.48
C ASN E 156 -12.40 30.93 -27.96
N ALA E 157 -11.69 29.86 -27.61
CA ALA E 157 -12.20 28.80 -26.75
C ALA E 157 -11.13 28.52 -25.71
N LEU E 158 -11.54 28.25 -24.47
CA LEU E 158 -10.63 28.24 -23.34
C LEU E 158 -10.04 26.85 -23.10
N GLN E 159 -8.72 26.81 -22.90
CA GLN E 159 -8.03 25.55 -22.67
C GLN E 159 -8.17 25.12 -21.21
N SER E 160 -8.30 23.81 -20.99
CA SER E 160 -8.56 23.27 -19.67
C SER E 160 -7.73 22.02 -19.44
N GLY E 161 -6.82 22.08 -18.46
CA GLY E 161 -6.14 20.89 -18.00
C GLY E 161 -5.06 20.35 -18.91
N ASN E 162 -4.51 21.17 -19.81
CA ASN E 162 -3.38 20.77 -20.64
C ASN E 162 -2.16 21.64 -20.40
N SER E 163 -2.09 22.30 -19.24
CA SER E 163 -0.99 23.19 -18.91
C SER E 163 -0.46 22.86 -17.52
N GLN E 164 0.72 23.38 -17.21
CA GLN E 164 1.36 23.20 -15.92
C GLN E 164 2.07 24.49 -15.53
N GLU E 165 1.87 24.92 -14.29
CA GLU E 165 2.54 26.10 -13.76
C GLU E 165 3.76 25.69 -12.95
N SER E 166 4.69 26.63 -12.81
CA SER E 166 5.90 26.43 -12.02
C SER E 166 6.33 27.78 -11.48
N VAL E 167 6.35 27.92 -10.16
CA VAL E 167 6.65 29.18 -9.50
C VAL E 167 8.04 29.09 -8.89
N THR E 168 8.89 30.06 -9.21
CA THR E 168 10.19 30.15 -8.58
C THR E 168 10.06 30.33 -7.07
N GLU E 169 11.11 29.93 -6.36
CA GLU E 169 11.27 30.42 -5.00
C GLU E 169 11.62 31.90 -5.07
N GLN E 170 11.12 32.66 -4.10
CA GLN E 170 11.33 34.11 -4.10
C GLN E 170 12.81 34.44 -4.28
N ASP E 171 13.09 35.22 -5.32
CA ASP E 171 14.45 35.71 -5.56
C ASP E 171 14.89 36.60 -4.40
N SER E 172 16.20 36.74 -4.24
CA SER E 172 16.71 37.31 -2.99
C SER E 172 16.63 38.84 -2.95
N LYS E 173 17.06 39.52 -4.01
CA LYS E 173 17.19 40.98 -3.97
C LYS E 173 15.84 41.67 -4.06
N ASP E 174 14.92 41.14 -4.84
CA ASP E 174 13.58 41.70 -5.02
C ASP E 174 12.52 41.05 -4.17
N SER E 175 12.69 39.77 -3.83
CA SER E 175 11.67 38.95 -3.17
C SER E 175 10.29 39.09 -3.85
N THR E 176 10.31 39.07 -5.18
CA THR E 176 9.09 38.87 -5.96
C THR E 176 9.25 37.59 -6.80
N TYR E 177 8.13 36.94 -7.10
CA TYR E 177 8.16 35.62 -7.72
C TYR E 177 8.43 35.72 -9.22
N SER E 178 8.44 34.54 -9.86
CA SER E 178 8.35 34.44 -11.31
C SER E 178 7.66 33.12 -11.62
N LEU E 179 6.82 33.14 -12.64
CA LEU E 179 5.99 32.00 -12.98
C LEU E 179 6.19 31.65 -14.45
N SER E 180 6.03 30.37 -14.77
CA SER E 180 6.11 29.91 -16.15
C SER E 180 5.04 28.85 -16.36
N SER E 181 4.05 29.17 -17.20
CA SER E 181 3.01 28.23 -17.57
C SER E 181 3.34 27.63 -18.93
N THR E 182 3.24 26.31 -19.04
CA THR E 182 3.55 25.59 -20.27
C THR E 182 2.31 24.82 -20.71
N LEU E 183 1.84 25.10 -21.93
CA LEU E 183 0.71 24.39 -22.51
C LEU E 183 1.20 23.43 -23.59
N THR E 184 0.68 22.21 -23.55
CA THR E 184 1.12 21.13 -24.42
C THR E 184 -0.03 20.67 -25.30
N LEU E 185 0.22 20.57 -26.60
CA LEU E 185 -0.74 20.01 -27.53
C LEU E 185 -0.03 19.03 -28.45
N SER E 186 -0.79 18.10 -29.01
CA SER E 186 -0.31 17.40 -30.19
C SER E 186 -0.13 18.41 -31.31
N LYS E 187 0.92 18.20 -32.13
CA LYS E 187 1.20 19.13 -33.22
C LYS E 187 0.04 19.17 -34.20
N ALA E 188 -0.69 18.06 -34.37
CA ALA E 188 -1.86 18.04 -35.24
C ALA E 188 -2.95 18.97 -34.72
N ASP E 189 -3.41 18.73 -33.48
CA ASP E 189 -4.35 19.64 -32.85
C ASP E 189 -3.82 21.06 -32.77
N TYR E 190 -2.51 21.24 -32.88
CA TYR E 190 -1.91 22.56 -32.74
C TYR E 190 -2.07 23.38 -34.02
N GLU E 191 -1.93 22.76 -35.19
CA GLU E 191 -2.01 23.51 -36.44
C GLU E 191 -3.42 23.68 -36.97
N LYS E 192 -4.43 23.22 -36.23
CA LYS E 192 -5.81 23.48 -36.59
C LYS E 192 -6.31 24.80 -36.03
N HIS E 193 -5.43 25.62 -35.46
CA HIS E 193 -5.80 26.90 -34.89
C HIS E 193 -4.72 27.93 -35.23
N LYS E 194 -4.99 29.19 -34.88
CA LYS E 194 -4.14 30.29 -35.30
C LYS E 194 -3.61 31.12 -34.14
N VAL E 195 -4.49 31.70 -33.33
CA VAL E 195 -4.09 32.64 -32.28
C VAL E 195 -3.88 31.88 -30.98
N TYR E 196 -2.74 32.14 -30.32
CA TYR E 196 -2.39 31.53 -29.04
C TYR E 196 -2.09 32.64 -28.06
N ALA E 197 -2.98 32.86 -27.10
CA ALA E 197 -2.91 33.99 -26.20
C ALA E 197 -2.75 33.52 -24.76
N CYS E 198 -2.02 34.30 -23.98
CA CYS E 198 -1.82 34.06 -22.55
C CYS E 198 -2.42 35.24 -21.80
N GLU E 199 -3.52 34.99 -21.09
CA GLU E 199 -4.26 36.03 -20.39
C GLU E 199 -3.83 36.02 -18.91
N VAL E 200 -3.10 37.04 -18.50
CA VAL E 200 -2.56 37.13 -17.15
C VAL E 200 -3.42 38.08 -16.34
N THR E 201 -4.00 37.58 -15.25
CA THR E 201 -4.75 38.39 -14.30
C THR E 201 -3.91 38.56 -13.04
N HIS E 202 -3.76 39.80 -12.59
CA HIS E 202 -2.91 40.10 -11.44
C HIS E 202 -3.40 41.38 -10.78
N GLN E 203 -3.27 41.43 -9.45
CA GLN E 203 -3.69 42.59 -8.68
C GLN E 203 -2.97 43.85 -9.14
N GLY E 204 -1.65 43.77 -9.31
CA GLY E 204 -0.85 44.91 -9.72
C GLY E 204 -1.08 45.35 -11.16
N LEU E 205 -2.18 44.90 -11.75
CA LEU E 205 -2.57 45.28 -13.10
C LEU E 205 -3.99 45.83 -13.06
N SER E 206 -4.18 47.03 -13.63
CA SER E 206 -5.51 47.62 -13.69
C SER E 206 -6.49 46.71 -14.42
N SER E 207 -6.00 45.95 -15.39
CA SER E 207 -6.80 45.01 -16.15
C SER E 207 -5.89 43.93 -16.66
N PRO E 208 -6.42 42.76 -17.04
CA PRO E 208 -5.55 41.64 -17.44
C PRO E 208 -4.75 41.98 -18.69
N VAL E 209 -3.57 41.38 -18.79
CA VAL E 209 -2.69 41.52 -19.94
C VAL E 209 -2.84 40.29 -20.83
N THR E 210 -2.79 40.51 -22.13
CA THR E 210 -2.85 39.43 -23.12
C THR E 210 -1.60 39.50 -23.99
N LYS E 211 -0.83 38.41 -23.99
CA LYS E 211 0.29 38.25 -24.90
C LYS E 211 -0.01 37.09 -25.83
N SER E 212 0.04 37.35 -27.13
CA SER E 212 -0.38 36.36 -28.12
C SER E 212 0.57 36.38 -29.31
N PHE E 213 0.45 35.34 -30.13
CA PHE E 213 1.12 35.27 -31.42
C PHE E 213 0.19 34.56 -32.40
N ASN E 214 0.46 34.77 -33.68
CA ASN E 214 -0.25 34.09 -34.75
C ASN E 214 0.69 33.10 -35.42
N ARG E 215 0.24 31.85 -35.51
CA ARG E 215 1.09 30.74 -35.96
C ARG E 215 1.73 30.98 -37.33
N GLN F 1 29.75 14.24 17.78
CA GLN F 1 29.67 15.39 16.90
C GLN F 1 28.27 15.54 16.36
N VAL F 2 27.33 14.91 17.08
CA VAL F 2 25.90 15.18 16.99
C VAL F 2 25.50 15.54 15.55
N GLN F 3 25.62 14.57 14.65
CA GLN F 3 25.21 14.77 13.25
C GLN F 3 25.01 13.42 12.59
N LEU F 4 23.83 13.24 12.00
CA LEU F 4 23.47 12.03 11.29
C LEU F 4 23.70 12.22 9.79
N VAL F 5 24.16 11.17 9.12
CA VAL F 5 24.46 11.22 7.70
C VAL F 5 23.79 10.03 7.03
N GLN F 6 22.96 10.29 6.03
CA GLN F 6 22.15 9.28 5.39
C GLN F 6 22.77 8.82 4.07
N SER F 7 22.23 7.73 3.53
CA SER F 7 22.79 7.08 2.36
C SER F 7 22.44 7.87 1.10
N GLY F 8 22.77 7.31 -0.07
CA GLY F 8 22.66 8.04 -1.32
C GLY F 8 21.27 8.01 -1.93
N VAL F 9 21.12 8.77 -3.02
CA VAL F 9 19.84 8.90 -3.68
C VAL F 9 19.41 7.54 -4.24
N GLU F 10 18.09 7.32 -4.29
CA GLU F 10 17.53 6.05 -4.72
C GLU F 10 16.47 6.32 -5.78
N VAL F 11 16.51 5.53 -6.85
CA VAL F 11 15.50 5.56 -7.91
C VAL F 11 15.04 4.13 -8.12
N LYS F 12 13.82 3.83 -7.68
CA LYS F 12 13.29 2.49 -7.69
C LYS F 12 12.01 2.42 -8.53
N LYS F 13 11.67 1.20 -8.93
CA LYS F 13 10.47 0.86 -9.67
C LYS F 13 9.34 0.50 -8.71
N PRO F 14 8.09 0.64 -9.14
CA PRO F 14 6.96 0.23 -8.28
C PRO F 14 7.04 -1.25 -7.96
N GLY F 15 6.79 -1.57 -6.68
CA GLY F 15 6.91 -2.91 -6.19
C GLY F 15 8.27 -3.27 -5.63
N ALA F 16 9.30 -2.48 -5.93
CA ALA F 16 10.63 -2.73 -5.39
C ALA F 16 10.68 -2.30 -3.94
N SER F 17 11.83 -2.51 -3.31
CA SER F 17 12.08 -2.11 -1.94
C SER F 17 13.34 -1.28 -1.88
N VAL F 18 13.39 -0.37 -0.91
CA VAL F 18 14.54 0.50 -0.70
C VAL F 18 14.93 0.45 0.77
N LYS F 19 16.23 0.43 1.03
CA LYS F 19 16.76 0.41 2.39
C LYS F 19 17.67 1.62 2.55
N VAL F 20 17.23 2.57 3.37
CA VAL F 20 17.98 3.80 3.65
C VAL F 20 18.69 3.65 4.98
N SER F 21 19.92 4.14 5.05
CA SER F 21 20.72 4.07 6.27
C SER F 21 20.92 5.46 6.86
N CYS F 22 21.17 5.48 8.16
CA CYS F 22 21.38 6.73 8.91
C CYS F 22 22.48 6.46 9.93
N LYS F 23 23.66 7.03 9.70
CA LYS F 23 24.83 6.77 10.52
C LYS F 23 24.98 7.89 11.55
N ALA F 24 24.93 7.54 12.83
CA ALA F 24 25.11 8.48 13.92
C ALA F 24 26.55 8.43 14.41
N SER F 25 27.05 9.57 14.87
CA SER F 25 28.43 9.67 15.30
C SER F 25 28.57 10.73 16.38
N GLY F 26 29.29 10.37 17.44
CA GLY F 26 29.72 11.35 18.44
C GLY F 26 28.71 11.72 19.48
N TYR F 27 27.71 10.88 19.74
CA TYR F 27 26.93 10.94 20.97
C TYR F 27 26.70 9.51 21.41
N THR F 28 26.27 9.35 22.66
CA THR F 28 25.95 8.00 23.14
C THR F 28 24.77 7.46 22.34
N PHE F 29 25.04 6.46 21.51
CA PHE F 29 24.06 6.03 20.50
C PHE F 29 22.76 5.58 21.16
N THR F 30 22.84 4.72 22.17
CA THR F 30 21.65 4.21 22.83
C THR F 30 21.01 5.22 23.78
N ASN F 31 21.54 6.44 23.87
CA ASN F 31 20.95 7.49 24.69
C ASN F 31 19.94 8.34 23.93
N TYR F 32 19.59 7.94 22.71
CA TYR F 32 18.63 8.70 21.92
C TYR F 32 17.83 7.72 21.06
N TYR F 33 16.54 7.98 20.91
CA TYR F 33 15.69 7.21 20.02
C TYR F 33 15.78 7.78 18.62
N MET F 34 15.58 6.92 17.63
CA MET F 34 15.66 7.30 16.22
C MET F 34 14.28 7.23 15.60
N TYR F 35 13.90 8.31 14.91
CA TYR F 35 12.61 8.40 14.25
C TYR F 35 12.82 8.72 12.77
N TRP F 36 11.86 8.29 11.96
CA TRP F 36 11.93 8.48 10.52
C TRP F 36 10.77 9.31 10.04
N VAL F 37 11.08 10.39 9.32
CA VAL F 37 10.10 11.33 8.79
C VAL F 37 10.34 11.44 7.30
N ARG F 38 9.27 11.54 6.52
CA ARG F 38 9.38 11.74 5.08
C ARG F 38 8.55 12.93 4.67
N GLN F 39 8.82 13.44 3.47
CA GLN F 39 8.13 14.62 2.96
C GLN F 39 8.08 14.53 1.44
N ALA F 40 6.87 14.33 0.91
CA ALA F 40 6.70 14.32 -0.55
C ALA F 40 7.06 15.69 -1.12
N PRO F 41 7.46 15.75 -2.40
CA PRO F 41 7.89 17.03 -3.00
C PRO F 41 6.91 18.17 -2.80
N GLY F 42 7.36 19.23 -2.13
CA GLY F 42 6.53 20.41 -1.90
C GLY F 42 5.32 20.16 -1.01
N GLN F 43 5.48 19.36 0.03
CA GLN F 43 4.39 19.03 0.93
C GLN F 43 4.88 19.15 2.38
N GLY F 44 4.06 18.69 3.31
CA GLY F 44 4.42 18.66 4.71
C GLY F 44 5.16 17.39 5.09
N LEU F 45 5.32 17.20 6.39
CA LEU F 45 6.09 16.09 6.94
C LEU F 45 5.14 15.00 7.43
N GLU F 46 5.57 13.74 7.27
CA GLU F 46 4.78 12.58 7.64
C GLU F 46 5.65 11.63 8.44
N TRP F 47 5.24 11.34 9.68
CA TRP F 47 5.99 10.44 10.53
C TRP F 47 5.74 9.00 10.12
N MET F 48 6.82 8.21 10.05
CA MET F 48 6.76 6.81 9.64
C MET F 48 6.93 5.84 10.79
N GLY F 49 7.97 6.01 11.60
CA GLY F 49 8.20 5.10 12.70
C GLY F 49 9.36 5.56 13.56
N GLY F 50 9.54 4.87 14.67
CA GLY F 50 10.63 5.15 15.58
C GLY F 50 11.19 3.85 16.14
N ILE F 51 12.46 3.90 16.54
CA ILE F 51 13.16 2.71 17.02
C ILE F 51 13.98 3.07 18.25
N ASN F 52 14.01 2.16 19.22
CA ASN F 52 14.85 2.29 20.41
C ASN F 52 16.10 1.44 20.21
N PRO F 53 17.27 2.05 20.03
CA PRO F 53 18.47 1.24 19.69
C PRO F 53 18.98 0.36 20.83
N SER F 54 18.55 0.61 22.07
CA SER F 54 19.09 -0.16 23.20
C SER F 54 18.49 -1.56 23.26
N ASN F 55 17.24 -1.73 22.80
CA ASN F 55 16.60 -3.04 22.79
C ASN F 55 15.92 -3.40 21.47
N GLY F 56 15.76 -2.46 20.55
CA GLY F 56 15.17 -2.76 19.26
C GLY F 56 13.67 -2.57 19.17
N GLY F 57 13.03 -2.04 20.21
CA GLY F 57 11.61 -1.75 20.15
C GLY F 57 11.29 -0.73 19.06
N THR F 58 10.03 -0.74 18.62
CA THR F 58 9.65 0.04 17.46
C THR F 58 8.33 0.76 17.70
N ASN F 59 8.20 1.93 17.08
CA ASN F 59 6.94 2.62 16.87
C ASN F 59 6.61 2.60 15.38
N PHE F 60 5.32 2.62 15.06
CA PHE F 60 4.89 2.57 13.68
C PHE F 60 3.67 3.46 13.46
N ASN F 61 3.75 4.34 12.47
CA ASN F 61 2.55 4.87 11.86
C ASN F 61 1.84 3.74 11.13
N GLU F 62 0.54 3.56 11.39
CA GLU F 62 -0.15 2.39 10.88
C GLU F 62 -0.27 2.39 9.36
N LYS F 63 -0.10 3.54 8.71
CA LYS F 63 -0.13 3.57 7.25
C LYS F 63 1.00 2.78 6.63
N PHE F 64 2.05 2.47 7.39
CA PHE F 64 3.21 1.74 6.89
C PHE F 64 3.42 0.41 7.61
N LYS F 65 2.48 -0.02 8.44
CA LYS F 65 2.63 -1.27 9.17
C LYS F 65 2.74 -2.44 8.21
N ASN F 66 3.67 -3.35 8.52
CA ASN F 66 4.00 -4.51 7.68
C ASN F 66 4.39 -4.10 6.27
N ARG F 67 4.81 -2.85 6.10
CA ARG F 67 5.44 -2.37 4.88
C ARG F 67 6.79 -1.74 5.15
N VAL F 68 7.10 -1.43 6.41
CA VAL F 68 8.34 -0.79 6.82
C VAL F 68 9.01 -1.65 7.88
N THR F 69 10.33 -1.82 7.77
CA THR F 69 11.13 -2.47 8.79
C THR F 69 12.24 -1.51 9.22
N LEU F 70 12.26 -1.20 10.51
CA LEU F 70 13.28 -0.33 11.08
C LEU F 70 14.23 -1.16 11.91
N THR F 71 15.51 -1.14 11.53
CA THR F 71 16.54 -1.90 12.20
C THR F 71 17.64 -0.98 12.68
N THR F 72 18.38 -1.43 13.69
CA THR F 72 19.49 -0.66 14.24
C THR F 72 20.70 -1.57 14.41
N ASP F 73 21.88 -0.96 14.36
CA ASP F 73 23.13 -1.67 14.57
C ASP F 73 23.96 -0.87 15.57
N SER F 74 24.12 -1.41 16.77
CA SER F 74 24.91 -0.73 17.80
C SER F 74 26.38 -0.65 17.43
N SER F 75 26.89 -1.64 16.70
CA SER F 75 28.31 -1.68 16.38
C SER F 75 28.72 -0.50 15.51
N THR F 76 27.97 -0.24 14.44
CA THR F 76 28.26 0.86 13.54
C THR F 76 27.41 2.09 13.83
N THR F 77 26.63 2.08 14.90
CA THR F 77 25.74 3.18 15.28
C THR F 77 24.94 3.67 14.08
N THR F 78 24.26 2.73 13.43
CA THR F 78 23.57 2.99 12.16
C THR F 78 22.17 2.43 12.23
N ALA F 79 21.18 3.29 12.00
CA ALA F 79 19.78 2.88 11.89
C ALA F 79 19.39 2.76 10.43
N TYR F 80 18.46 1.84 10.14
CA TYR F 80 18.04 1.57 8.78
C TYR F 80 16.52 1.68 8.68
N MET F 81 16.07 1.99 7.46
CA MET F 81 14.64 2.12 7.15
C MET F 81 14.41 1.41 5.83
N GLU F 82 13.64 0.32 5.85
CA GLU F 82 13.35 -0.46 4.65
C GLU F 82 11.88 -0.31 4.29
N LEU F 83 11.62 0.33 3.16
CA LEU F 83 10.26 0.52 2.64
C LEU F 83 10.05 -0.42 1.48
N LYS F 84 9.18 -1.41 1.67
CA LYS F 84 8.94 -2.44 0.66
C LYS F 84 7.65 -2.13 -0.11
N SER F 85 7.47 -2.86 -1.21
CA SER F 85 6.32 -2.69 -2.10
C SER F 85 6.08 -1.22 -2.41
N LEU F 86 7.13 -0.59 -2.94
CA LEU F 86 7.11 0.85 -3.16
C LEU F 86 6.00 1.27 -4.09
N GLN F 87 5.32 2.35 -3.72
CA GLN F 87 4.25 2.94 -4.51
C GLN F 87 4.73 4.26 -5.10
N PHE F 88 3.93 4.80 -6.02
CA PHE F 88 4.32 6.06 -6.66
C PHE F 88 4.30 7.21 -5.67
N ASP F 89 3.34 7.23 -4.75
CA ASP F 89 3.25 8.30 -3.76
C ASP F 89 4.33 8.19 -2.68
N ASP F 90 5.17 7.15 -2.73
CA ASP F 90 6.29 7.05 -1.81
C ASP F 90 7.49 7.90 -2.22
N THR F 91 7.42 8.55 -3.38
CA THR F 91 8.45 9.49 -3.78
C THR F 91 8.50 10.64 -2.78
N ALA F 92 9.61 10.73 -2.05
CA ALA F 92 9.74 11.72 -0.99
C ALA F 92 11.21 11.81 -0.58
N VAL F 93 11.48 12.75 0.32
CA VAL F 93 12.78 12.86 0.99
C VAL F 93 12.62 12.22 2.37
N TYR F 94 13.43 11.20 2.65
CA TYR F 94 13.31 10.43 3.87
C TYR F 94 14.37 10.88 4.87
N TYR F 95 13.93 11.28 6.05
CA TYR F 95 14.81 11.79 7.09
C TYR F 95 14.88 10.79 8.25
N CYS F 96 16.02 10.81 8.93
CA CYS F 96 16.17 10.23 10.25
C CYS F 96 16.37 11.36 11.25
N ALA F 97 15.66 11.29 12.36
CA ALA F 97 15.78 12.27 13.42
C ALA F 97 15.93 11.56 14.75
N ARG F 98 16.79 12.12 15.61
CA ARG F 98 17.02 11.55 16.93
C ARG F 98 16.24 12.33 17.97
N ARG F 99 15.92 11.66 19.07
CA ARG F 99 15.18 12.26 20.17
C ARG F 99 15.75 11.74 21.49
N ASP F 100 15.80 12.60 22.50
CA ASP F 100 16.34 12.23 23.79
C ASP F 100 15.53 11.08 24.40
N TYR F 101 16.23 10.06 24.89
CA TYR F 101 15.55 8.90 25.46
C TYR F 101 15.06 9.16 26.88
N ARG F 102 15.58 10.19 27.55
CA ARG F 102 15.10 10.49 28.89
C ARG F 102 13.72 11.12 28.87
N PHE F 103 13.49 12.04 27.94
CA PHE F 103 12.18 12.66 27.74
C PHE F 103 12.19 13.31 26.37
N ASP F 104 10.99 13.57 25.84
CA ASP F 104 10.88 14.15 24.51
C ASP F 104 11.13 15.65 24.59
N MET F 105 12.30 16.08 24.15
CA MET F 105 12.63 17.48 23.98
C MET F 105 12.79 17.82 22.50
N GLY F 106 11.98 17.19 21.66
CA GLY F 106 11.94 17.47 20.25
C GLY F 106 13.05 16.78 19.47
N PHE F 107 12.81 16.63 18.18
CA PHE F 107 13.84 16.11 17.27
C PHE F 107 14.90 17.19 17.08
N ASP F 108 15.89 17.20 17.97
CA ASP F 108 16.88 18.27 17.90
C ASP F 108 17.68 18.21 16.60
N TYR F 109 18.02 17.01 16.14
CA TYR F 109 18.99 16.86 15.06
C TYR F 109 18.46 15.92 13.99
N TRP F 110 18.63 16.31 12.72
CA TRP F 110 18.13 15.59 11.58
C TRP F 110 19.26 15.29 10.60
N GLY F 111 19.11 14.21 9.86
CA GLY F 111 20.03 13.90 8.78
C GLY F 111 19.84 14.84 7.60
N GLN F 112 20.73 14.70 6.62
CA GLN F 112 20.67 15.59 5.46
C GLN F 112 19.53 15.22 4.53
N GLY F 113 18.96 14.03 4.65
CA GLY F 113 17.85 13.62 3.82
C GLY F 113 18.24 12.73 2.66
N THR F 114 17.41 11.74 2.36
CA THR F 114 17.62 10.84 1.24
C THR F 114 16.41 10.94 0.32
N THR F 115 16.66 11.33 -0.94
CA THR F 115 15.59 11.44 -1.92
C THR F 115 15.35 10.08 -2.55
N VAL F 116 14.12 9.59 -2.46
CA VAL F 116 13.71 8.33 -3.07
C VAL F 116 12.65 8.63 -4.11
N THR F 117 12.83 8.09 -5.31
CA THR F 117 11.93 8.35 -6.43
C THR F 117 11.43 7.01 -6.97
N VAL F 118 10.11 6.84 -6.99
CA VAL F 118 9.47 5.64 -7.51
C VAL F 118 8.79 6.00 -8.83
N SER F 119 9.20 5.33 -9.90
CA SER F 119 8.62 5.57 -11.21
C SER F 119 8.88 4.34 -12.07
N SER F 120 8.07 4.20 -13.12
CA SER F 120 8.26 3.17 -14.12
C SER F 120 9.03 3.67 -15.34
N ALA F 121 9.54 4.90 -15.28
CA ALA F 121 10.28 5.48 -16.38
C ALA F 121 11.73 4.99 -16.38
N SER F 122 12.31 4.96 -17.58
CA SER F 122 13.72 4.65 -17.75
C SER F 122 14.50 5.94 -17.95
N THR F 123 15.77 5.91 -17.55
CA THR F 123 16.63 7.09 -17.68
C THR F 123 16.63 7.60 -19.11
N LYS F 124 16.43 8.91 -19.27
CA LYS F 124 16.28 9.49 -20.59
C LYS F 124 16.85 10.90 -20.58
N GLY F 125 17.67 11.21 -21.57
CA GLY F 125 18.20 12.55 -21.74
C GLY F 125 17.13 13.52 -22.19
N PRO F 126 17.29 14.79 -21.85
CA PRO F 126 16.28 15.78 -22.19
C PRO F 126 16.45 16.32 -23.60
N SER F 127 15.32 16.68 -24.20
CA SER F 127 15.32 17.44 -25.43
C SER F 127 15.22 18.92 -25.10
N VAL F 128 16.02 19.74 -25.78
CA VAL F 128 16.11 21.16 -25.52
C VAL F 128 15.64 21.93 -26.74
N PHE F 129 14.73 22.87 -26.53
CA PHE F 129 14.13 23.65 -27.59
C PHE F 129 14.24 25.13 -27.28
N PRO F 130 14.43 25.97 -28.29
CA PRO F 130 14.57 27.40 -28.04
C PRO F 130 13.26 28.04 -27.60
N LEU F 131 13.39 29.06 -26.75
CA LEU F 131 12.28 29.93 -26.38
C LEU F 131 12.63 31.32 -26.92
N ALA F 132 12.03 31.68 -28.05
CA ALA F 132 12.29 32.95 -28.69
C ALA F 132 10.98 33.54 -29.18
N PRO F 133 10.80 34.85 -29.07
CA PRO F 133 9.54 35.47 -29.53
C PRO F 133 9.31 35.21 -31.01
N CYS F 134 8.03 35.21 -31.40
CA CYS F 134 7.67 34.90 -32.78
C CYS F 134 8.22 35.93 -33.74
N SER F 135 8.13 37.21 -33.39
CA SER F 135 8.71 38.29 -34.18
C SER F 135 9.54 39.15 -33.24
N ARG F 136 10.84 39.21 -33.51
CA ARG F 136 11.74 39.95 -32.63
C ARG F 136 11.55 41.45 -32.79
N SER F 137 11.67 42.17 -31.68
CA SER F 137 11.84 43.62 -31.64
C SER F 137 10.58 44.42 -31.90
N THR F 138 10.00 44.96 -30.84
CA THR F 138 9.40 46.29 -30.85
C THR F 138 10.39 47.20 -30.13
N SER F 139 10.02 48.47 -29.95
CA SER F 139 10.99 49.39 -29.37
C SER F 139 11.10 49.24 -27.85
N GLU F 140 10.35 48.34 -27.23
CA GLU F 140 10.57 48.04 -25.82
C GLU F 140 11.96 47.46 -25.62
N SER F 141 12.66 47.96 -24.59
CA SER F 141 14.11 47.80 -24.53
C SER F 141 14.54 46.39 -24.15
N THR F 142 13.71 45.65 -23.40
CA THR F 142 14.11 44.35 -22.89
C THR F 142 13.25 43.25 -23.51
N ALA F 143 13.92 42.22 -24.03
CA ALA F 143 13.26 41.05 -24.59
C ALA F 143 13.65 39.81 -23.78
N ALA F 144 12.81 38.79 -23.85
CA ALA F 144 13.00 37.56 -23.08
C ALA F 144 13.19 36.38 -24.04
N LEU F 145 14.20 35.57 -23.75
CA LEU F 145 14.45 34.34 -24.49
C LEU F 145 14.76 33.24 -23.48
N GLY F 146 14.86 32.01 -23.98
CA GLY F 146 15.15 30.92 -23.07
C GLY F 146 15.23 29.58 -23.77
N CYS F 147 15.27 28.53 -22.95
CA CYS F 147 15.36 27.16 -23.41
C CYS F 147 14.34 26.30 -22.67
N LEU F 148 13.79 25.31 -23.36
CA LEU F 148 12.81 24.39 -22.80
C LEU F 148 13.45 23.01 -22.71
N VAL F 149 13.69 22.55 -21.49
CA VAL F 149 14.30 21.25 -21.22
C VAL F 149 13.16 20.29 -20.90
N LYS F 150 12.88 19.36 -21.81
CA LYS F 150 11.66 18.58 -21.79
C LYS F 150 11.97 17.09 -21.96
N ASP F 151 11.14 16.26 -21.31
CA ASP F 151 11.12 14.80 -21.49
C ASP F 151 12.45 14.18 -21.07
N TYR F 152 12.71 14.22 -19.77
CA TYR F 152 13.88 13.57 -19.20
C TYR F 152 13.51 12.89 -17.90
N PHE F 153 14.34 11.91 -17.54
CA PHE F 153 14.20 11.19 -16.28
C PHE F 153 15.54 10.58 -15.92
N PRO F 154 15.93 10.65 -14.64
CA PRO F 154 15.22 11.40 -13.60
C PRO F 154 15.85 12.77 -13.37
N GLU F 155 15.41 13.46 -12.32
CA GLU F 155 16.07 14.68 -11.87
C GLU F 155 17.52 14.35 -11.49
N PRO F 156 18.41 15.36 -11.52
CA PRO F 156 18.20 16.74 -11.92
C PRO F 156 18.94 17.14 -13.19
N VAL F 157 18.71 18.39 -13.62
CA VAL F 157 19.45 18.99 -14.73
C VAL F 157 20.11 20.27 -14.22
N THR F 158 21.16 20.68 -14.91
CA THR F 158 21.84 21.94 -14.65
C THR F 158 21.87 22.75 -15.93
N VAL F 159 21.29 23.95 -15.90
CA VAL F 159 21.27 24.84 -17.05
C VAL F 159 22.10 26.07 -16.72
N SER F 160 23.06 26.38 -17.58
CA SER F 160 23.78 27.65 -17.55
C SER F 160 23.65 28.32 -18.91
N TRP F 161 23.98 29.61 -18.95
CA TRP F 161 23.75 30.44 -20.13
C TRP F 161 25.06 31.02 -20.62
N ASN F 162 25.34 30.84 -21.91
CA ASN F 162 26.53 31.38 -22.56
C ASN F 162 27.80 30.97 -21.82
N SER F 163 27.95 29.66 -21.63
CA SER F 163 29.06 29.06 -20.88
C SER F 163 29.13 29.59 -19.46
N GLY F 164 28.02 30.09 -18.93
CA GLY F 164 27.97 30.63 -17.58
C GLY F 164 28.35 32.07 -17.44
N ALA F 165 28.67 32.76 -18.54
CA ALA F 165 29.05 34.17 -18.44
C ALA F 165 27.85 35.05 -18.09
N LEU F 166 26.69 34.74 -18.64
CA LEU F 166 25.48 35.53 -18.41
C LEU F 166 24.64 34.85 -17.33
N THR F 167 24.45 35.56 -16.21
CA THR F 167 23.64 35.08 -15.10
C THR F 167 22.68 36.14 -14.58
N SER F 168 22.95 37.42 -14.80
CA SER F 168 22.03 38.48 -14.41
C SER F 168 20.67 38.29 -15.08
N GLY F 169 19.62 38.20 -14.26
CA GLY F 169 18.27 38.05 -14.79
C GLY F 169 18.03 36.71 -15.45
N VAL F 170 18.33 35.62 -14.75
CA VAL F 170 18.10 34.27 -15.24
C VAL F 170 17.14 33.57 -14.29
N HIS F 171 16.15 32.88 -14.84
CA HIS F 171 15.17 32.13 -14.06
C HIS F 171 15.03 30.74 -14.67
N THR F 172 15.70 29.76 -14.08
CA THR F 172 15.50 28.35 -14.40
C THR F 172 14.45 27.80 -13.44
N PHE F 173 13.30 27.41 -13.98
CA PHE F 173 12.16 27.09 -13.13
C PHE F 173 12.26 25.68 -12.56
N PRO F 174 11.62 25.44 -11.42
CA PRO F 174 11.55 24.06 -10.89
C PRO F 174 10.97 23.11 -11.92
N ALA F 175 11.54 21.91 -11.97
CA ALA F 175 11.05 20.90 -12.89
C ALA F 175 9.67 20.41 -12.47
N VAL F 176 8.80 20.19 -13.45
CA VAL F 176 7.48 19.63 -13.22
C VAL F 176 7.45 18.24 -13.82
N LEU F 177 6.63 17.37 -13.25
CA LEU F 177 6.51 15.99 -13.71
C LEU F 177 5.29 15.86 -14.61
N GLN F 178 5.52 15.43 -15.85
CA GLN F 178 4.45 15.31 -16.82
C GLN F 178 3.68 14.00 -16.62
N SER F 179 2.61 13.83 -17.41
CA SER F 179 1.81 12.61 -17.32
C SER F 179 2.62 11.39 -17.73
N SER F 180 3.59 11.57 -18.63
CA SER F 180 4.42 10.46 -19.10
C SER F 180 5.37 9.94 -18.03
N GLY F 181 5.57 10.69 -16.95
CA GLY F 181 6.58 10.34 -15.97
C GLY F 181 7.93 10.98 -16.21
N LEU F 182 8.02 11.91 -17.15
CA LEU F 182 9.26 12.60 -17.48
C LEU F 182 9.18 14.04 -16.98
N TYR F 183 10.29 14.54 -16.43
CA TYR F 183 10.32 15.90 -15.94
C TYR F 183 10.54 16.88 -17.09
N SER F 184 10.15 18.13 -16.85
CA SER F 184 10.32 19.20 -17.82
C SER F 184 10.50 20.51 -17.08
N LEU F 185 11.32 21.39 -17.65
CA LEU F 185 11.56 22.69 -17.05
C LEU F 185 11.93 23.69 -18.13
N SER F 186 11.98 24.97 -17.75
CA SER F 186 12.36 26.04 -18.66
C SER F 186 13.43 26.91 -18.00
N SER F 187 14.26 27.51 -18.84
CA SER F 187 15.28 28.46 -18.41
C SER F 187 15.04 29.77 -19.16
N VAL F 188 14.84 30.86 -18.40
CA VAL F 188 14.40 32.13 -18.95
C VAL F 188 15.49 33.17 -18.74
N VAL F 189 15.56 34.14 -19.66
CA VAL F 189 16.53 35.24 -19.56
C VAL F 189 15.92 36.50 -20.17
N THR F 190 16.10 37.63 -19.50
CA THR F 190 15.75 38.95 -20.03
C THR F 190 17.03 39.68 -20.44
N VAL F 191 17.07 40.15 -21.68
CA VAL F 191 18.25 40.87 -22.18
C VAL F 191 17.83 42.14 -22.89
N PRO F 192 18.77 43.06 -23.09
CA PRO F 192 18.59 44.15 -24.06
C PRO F 192 18.00 43.68 -25.38
N SER F 193 16.96 44.38 -25.86
CA SER F 193 16.52 44.16 -27.23
C SER F 193 17.45 44.82 -28.23
N SER F 194 18.17 45.85 -27.80
CA SER F 194 19.15 46.50 -28.67
C SER F 194 20.31 45.55 -28.97
N SER F 195 20.75 44.79 -27.97
CA SER F 195 21.84 43.82 -28.15
C SER F 195 21.27 42.41 -28.30
N LEU F 196 20.51 42.21 -29.37
CA LEU F 196 19.93 40.91 -29.70
C LEU F 196 20.57 40.31 -30.94
N GLY F 197 20.54 41.02 -32.07
CA GLY F 197 21.31 40.59 -33.22
C GLY F 197 22.81 40.75 -33.00
N THR F 198 23.20 41.70 -32.15
CA THR F 198 24.61 41.91 -31.86
C THR F 198 25.19 40.71 -31.13
N LYS F 199 24.64 40.38 -29.97
CA LYS F 199 25.19 39.31 -29.14
C LYS F 199 24.52 37.98 -29.45
N THR F 200 25.22 36.90 -29.08
CA THR F 200 24.74 35.54 -29.22
C THR F 200 24.42 34.96 -27.85
N TYR F 201 23.36 34.15 -27.78
CA TYR F 201 22.85 33.64 -26.52
C TYR F 201 22.60 32.13 -26.65
N THR F 202 23.23 31.38 -25.75
CA THR F 202 23.13 29.93 -25.74
C THR F 202 22.88 29.45 -24.32
N CYS F 203 21.92 28.56 -24.16
CA CYS F 203 21.85 27.73 -22.96
C CYS F 203 22.65 26.47 -23.21
N ASN F 204 23.32 25.96 -22.18
CA ASN F 204 23.99 24.68 -22.24
C ASN F 204 23.39 23.78 -21.17
N VAL F 205 22.89 22.63 -21.59
CA VAL F 205 22.09 21.75 -20.74
C VAL F 205 22.89 20.49 -20.46
N ASP F 206 22.93 20.08 -19.19
CA ASP F 206 23.71 18.93 -18.76
C ASP F 206 22.84 18.01 -17.93
N HIS F 207 22.67 16.77 -18.40
CA HIS F 207 21.96 15.72 -17.67
C HIS F 207 22.92 14.55 -17.57
N LYS F 208 23.66 14.50 -16.47
CA LYS F 208 24.72 13.52 -16.27
C LYS F 208 24.22 12.09 -16.08
N PRO F 209 23.07 11.85 -15.44
CA PRO F 209 22.55 10.46 -15.39
C PRO F 209 22.42 9.83 -16.77
N SER F 210 21.92 10.57 -17.76
CA SER F 210 21.87 10.09 -19.13
C SER F 210 23.15 10.37 -19.89
N ASN F 211 24.10 11.09 -19.29
CA ASN F 211 25.38 11.44 -19.90
C ASN F 211 25.20 12.31 -21.15
N THR F 212 24.09 13.03 -21.25
CA THR F 212 23.79 13.86 -22.40
C THR F 212 24.11 15.32 -22.08
N LYS F 213 24.86 15.97 -22.97
CA LYS F 213 25.13 17.39 -22.90
C LYS F 213 24.80 17.99 -24.26
N VAL F 214 23.99 19.04 -24.27
CA VAL F 214 23.52 19.63 -25.52
C VAL F 214 23.61 21.15 -25.42
N ASP F 215 24.18 21.77 -26.45
CA ASP F 215 24.22 23.21 -26.58
C ASP F 215 23.13 23.65 -27.57
N LYS F 216 22.28 24.57 -27.12
CA LYS F 216 21.23 25.11 -27.98
C LYS F 216 21.27 26.63 -27.90
N ARG F 217 20.98 27.27 -29.02
CA ARG F 217 21.08 28.72 -29.14
C ARG F 217 19.77 29.29 -29.67
N VAL F 218 19.39 30.46 -29.15
CA VAL F 218 18.15 31.11 -29.54
C VAL F 218 18.45 32.33 -30.41
#